data_1O7D
#
_entry.id   1O7D
#
_cell.length_a   117.880
_cell.length_b   117.880
_cell.length_c   582.040
_cell.angle_alpha   90.00
_cell.angle_beta   90.00
_cell.angle_gamma   120.00
#
_symmetry.space_group_name_H-M   'P 61 2 2'
#
loop_
_entity.id
_entity.type
_entity.pdbx_description
1 polymer 'Lysosomal alpha-mannosidase'
2 polymer 'Lysosomal alpha-mannosidase'
3 polymer 'Lysosomal alpha-mannosidase'
4 polymer 'Lysosomal alpha-mannosidase'
5 polymer 'Lysosomal alpha-mannosidase'
6 branched alpha-D-mannopyranose-(1-2)-alpha-D-mannopyranose-(1-6)-[alpha-D-mannopyranose-(1-3)]alpha-D-mannopyranose-(1-6)-[alpha-D-mannopyranose-(1-2)-alpha-D-mannopyranose-(1-3)]beta-D-mannopyranose-(1-4)-2-acetamido-2-deoxy-beta-D-glucopyranose-(1-4)-2-acetamido-2-deoxy-beta-D-glucopyranose
7 branched 2-acetamido-2-deoxy-beta-D-glucopyranose-(1-4)-2-acetamido-2-deoxy-beta-D-glucopyranose
8 non-polymer 2-acetamido-2-deoxy-beta-D-glucopyranose
9 non-polymer 2-AMINO-2-HYDROXYMETHYL-PROPANE-1,3-DIOL
10 non-polymer 'ZINC ION'
11 non-polymer 'SULFATE ION'
12 water water
#
loop_
_entity_poly.entity_id
_entity_poly.type
_entity_poly.pdbx_seq_one_letter_code
_entity_poly.pdbx_strand_id
1 'polypeptide(L)'
;AGYKTCPKVKPDMLNVHLVPHTHDDVGWLKTVDQYFYGIYNNIQPAGVQYILDSVISSLLANPTRRFIYVEIAFFSRWWR
QQTNATQKIVRELVRQGRLEFANGGWVMNDEATTHYGAIIDQMTLGLRFLEETFGSDGRPRVAWHIDPFGHSREQASLFA
QMGFDGFFFGRLDYQDKKVRKKTLQMEQVWRASTSLKPPTADLFTSVLPNMYNPPEGLCWDMLCADKPVVEDTRSPEYNA
KELVRYFLKLATDQGKLYRTKHTVMTMGSDFQYENANTWFKNLDKLIQLVNAQQRANG
;
A
2 'polypeptide(L)'
;IRVNVLYSTPACYLWELNKANLSWSVKKDDFFPYADGPYMFWTGYFSSRPALKRYERLSYNFLQVCNQLEALAGPAANVG
PYGS
;
B
3 'polypeptide(L)'
;GDSAPLNEAMAVLQHHDAVSGTSRQHVANDYARQLSEGWRPCEVLMSNALAHLSGLKEDFAFCRKLNISICPLTQTAERF
QVIVYNPLGRKVDWMVRLPVSKHVYLVKDPGGKIVPSDVVTIPSSDSQELLFSALVPAVGFSIYSVSQMPNQRPQKSWS
;
C
4 'polypeptide(L)'
;RDLVIQNEYLRARFDPNTGLLMELENLEQNLLLPVRQAFYWYNASTGNNLSSQASGAYIFRPNQNKPLFVSHWAQTHLVK
ASLVQEVHQNFSAWCSQVVRLYPRQRHLELEWTVGPIPVGDGWGKEVISRFDTALATRGLFYTDSNGREILERRRNYRPT
WKLNQTEPVAGNYYPVNSRIYITDGNMQLTVLTDRSQGGSSLRDGSLELMVHRRLLKDDARGVGEPLNKEGSGLWVRGRH
LVLLDKKETAAARHRLQAEMEVLAPQVVLAQGGGARYRLEKA
;
D
5 'polypeptide(L)'
;PRTQFSGLRRELPPSVRLLTLARWGPETLLLRLEHQFAVGEDSGRNLSSPVTLDLTNLFSAFTITNLRETTLAANQLLAY
ASRLQWTTDTGPTPHPSPSRPVSATITLQPMEIRTFLASVQWEEDG
;
E
#
loop_
_chem_comp.id
_chem_comp.type
_chem_comp.name
_chem_comp.formula
BMA D-saccharide, beta linking beta-D-mannopyranose 'C6 H12 O6'
MAN D-saccharide, alpha linking alpha-D-mannopyranose 'C6 H12 O6'
NAG D-saccharide, beta linking 2-acetamido-2-deoxy-beta-D-glucopyranose 'C8 H15 N O6'
SO4 non-polymer 'SULFATE ION' 'O4 S -2'
TRS non-polymer 2-AMINO-2-HYDROXYMETHYL-PROPANE-1,3-DIOL 'C4 H12 N O3 1'
ZN non-polymer 'ZINC ION' 'Zn 2'
#
# COMPACT_ATOMS: atom_id res chain seq x y z
N GLY A 2 0.48 1.31 -29.99
CA GLY A 2 1.58 1.50 -28.97
C GLY A 2 2.68 2.43 -29.44
N TYR A 3 3.88 1.88 -29.65
CA TYR A 3 4.99 2.68 -30.12
C TYR A 3 4.94 2.82 -31.64
N LYS A 4 4.39 1.82 -32.31
CA LYS A 4 4.29 1.89 -33.76
C LYS A 4 3.24 2.94 -34.18
N THR A 5 2.53 3.51 -33.21
CA THR A 5 1.49 4.52 -33.48
C THR A 5 1.96 5.95 -33.17
N CYS A 6 3.16 6.10 -32.63
CA CYS A 6 3.62 7.42 -32.24
C CYS A 6 3.68 8.49 -33.33
N PRO A 7 3.54 9.77 -32.92
CA PRO A 7 3.54 10.96 -33.77
C PRO A 7 4.90 11.25 -34.43
N LYS A 8 4.90 12.23 -35.34
CA LYS A 8 6.11 12.61 -36.06
C LYS A 8 6.89 13.74 -35.34
N VAL A 9 8.07 13.43 -34.82
CA VAL A 9 8.92 14.43 -34.16
C VAL A 9 9.72 15.16 -35.24
N LYS A 10 10.06 16.43 -35.02
CA LYS A 10 10.85 17.16 -36.02
C LYS A 10 12.31 17.29 -35.61
N PRO A 11 13.13 16.27 -35.91
CA PRO A 11 14.55 16.25 -35.58
C PRO A 11 15.22 17.60 -35.82
N ASP A 12 16.21 17.88 -34.98
CA ASP A 12 17.00 19.12 -35.08
C ASP A 12 16.13 20.37 -34.85
N MET A 13 15.36 20.29 -33.78
CA MET A 13 14.45 21.34 -33.33
C MET A 13 14.11 20.89 -31.92
N LEU A 14 13.59 21.80 -31.10
CA LEU A 14 13.19 21.43 -29.75
C LEU A 14 11.75 21.00 -29.89
N ASN A 15 11.43 19.85 -29.32
CA ASN A 15 10.08 19.30 -29.42
C ASN A 15 9.36 19.33 -28.08
N VAL A 16 8.19 19.92 -28.10
CA VAL A 16 7.37 20.01 -26.91
C VAL A 16 6.16 19.11 -27.14
N HIS A 17 6.07 18.05 -26.32
CA HIS A 17 4.99 17.07 -26.35
C HIS A 17 3.83 17.51 -25.47
N LEU A 18 2.73 17.95 -26.06
CA LEU A 18 1.63 18.36 -25.23
C LEU A 18 0.90 17.10 -24.84
N VAL A 19 0.79 16.88 -23.52
CA VAL A 19 0.11 15.70 -23.00
C VAL A 19 -1.19 16.06 -22.28
N PRO A 20 -2.30 16.07 -23.01
CA PRO A 20 -3.61 16.38 -22.44
C PRO A 20 -4.05 15.22 -21.51
N HIS A 21 -4.62 15.54 -20.34
CA HIS A 21 -5.04 14.52 -19.39
C HIS A 21 -5.98 15.04 -18.30
N THR A 22 -6.45 14.13 -17.44
CA THR A 22 -7.34 14.49 -16.33
C THR A 22 -7.16 13.63 -15.09
N HIS A 23 -6.58 14.21 -14.04
CA HIS A 23 -6.36 13.50 -12.80
C HIS A 23 -7.68 13.34 -12.08
N ASP A 24 -8.24 12.13 -12.11
CA ASP A 24 -9.52 11.84 -11.45
C ASP A 24 -9.33 11.01 -10.18
N ASP A 25 -9.43 11.67 -9.03
CA ASP A 25 -9.23 10.98 -7.78
C ASP A 25 -10.41 10.05 -7.46
N VAL A 26 -10.11 8.78 -7.28
CA VAL A 26 -11.16 7.82 -6.94
C VAL A 26 -11.47 8.05 -5.45
N GLY A 27 -12.12 9.18 -5.20
CA GLY A 27 -12.47 9.57 -3.85
C GLY A 27 -11.39 10.47 -3.25
N TRP A 28 -11.85 11.50 -2.56
CA TRP A 28 -10.98 12.45 -1.88
C TRP A 28 -11.85 13.40 -1.06
N LEU A 29 -12.62 14.24 -1.74
CA LEU A 29 -13.48 15.18 -1.06
C LEU A 29 -14.93 14.79 -1.30
N LYS A 30 -15.13 13.86 -2.20
CA LYS A 30 -16.45 13.37 -2.52
C LYS A 30 -16.28 11.86 -2.63
N THR A 31 -17.37 11.12 -2.78
CA THR A 31 -17.25 9.68 -2.92
C THR A 31 -17.10 9.29 -4.39
N VAL A 32 -16.78 8.02 -4.62
CA VAL A 32 -16.61 7.51 -5.99
C VAL A 32 -17.86 7.70 -6.87
N ASP A 33 -19.04 7.45 -6.31
CA ASP A 33 -20.26 7.61 -7.06
C ASP A 33 -20.60 9.08 -7.32
N GLN A 34 -20.21 9.94 -6.39
CA GLN A 34 -20.45 11.37 -6.51
C GLN A 34 -19.52 11.97 -7.54
N TYR A 35 -18.33 11.39 -7.64
CA TYR A 35 -17.35 11.85 -8.62
C TYR A 35 -17.71 11.35 -10.00
N PHE A 36 -18.17 10.11 -10.10
CA PHE A 36 -18.51 9.55 -11.41
C PHE A 36 -19.74 10.21 -12.01
N TYR A 37 -20.78 10.35 -11.20
CA TYR A 37 -22.02 10.95 -11.65
C TYR A 37 -22.03 12.48 -11.68
N GLY A 38 -21.23 13.09 -10.82
CA GLY A 38 -21.21 14.55 -10.78
C GLY A 38 -22.28 15.02 -9.81
N ILE A 39 -22.28 14.41 -8.62
CA ILE A 39 -23.25 14.74 -7.59
C ILE A 39 -22.58 15.70 -6.62
N TYR A 40 -23.39 16.58 -6.03
CA TYR A 40 -22.91 17.60 -5.08
C TYR A 40 -21.76 18.39 -5.66
N ASN A 41 -21.97 18.99 -6.83
CA ASN A 41 -20.90 19.77 -7.44
C ASN A 41 -20.55 21.00 -6.62
N ASN A 42 -21.26 21.20 -5.51
CA ASN A 42 -20.98 22.32 -4.65
C ASN A 42 -19.71 22.04 -3.90
N ILE A 43 -19.62 20.83 -3.34
CA ILE A 43 -18.42 20.43 -2.63
C ILE A 43 -17.26 20.60 -3.62
N GLN A 44 -17.38 19.97 -4.78
CA GLN A 44 -16.36 20.07 -5.81
C GLN A 44 -16.96 19.82 -7.20
N PRO A 45 -16.72 20.75 -8.15
CA PRO A 45 -17.27 20.55 -9.49
C PRO A 45 -16.47 19.44 -10.20
N ALA A 46 -17.11 18.28 -10.38
CA ALA A 46 -16.47 17.16 -11.01
C ALA A 46 -17.47 16.03 -11.26
N GLY A 47 -17.56 15.63 -12.53
CA GLY A 47 -18.45 14.55 -12.96
C GLY A 47 -17.79 13.80 -14.10
N VAL A 48 -17.10 12.71 -13.77
CA VAL A 48 -16.37 11.90 -14.74
C VAL A 48 -17.11 11.28 -15.93
N GLN A 49 -18.42 11.09 -15.82
CA GLN A 49 -19.17 10.51 -16.93
C GLN A 49 -19.24 11.49 -18.10
N TYR A 50 -19.20 12.77 -17.78
CA TYR A 50 -19.25 13.84 -18.77
C TYR A 50 -17.85 13.99 -19.37
N ILE A 51 -16.84 13.85 -18.53
CA ILE A 51 -15.46 13.98 -18.97
C ILE A 51 -15.13 12.95 -20.04
N LEU A 52 -15.61 11.73 -19.84
CA LEU A 52 -15.33 10.69 -20.81
C LEU A 52 -16.09 10.88 -22.12
N ASP A 53 -17.33 11.34 -22.02
CA ASP A 53 -18.10 11.55 -23.23
C ASP A 53 -17.40 12.59 -24.10
N SER A 54 -17.09 13.74 -23.52
CA SER A 54 -16.44 14.81 -24.26
C SER A 54 -15.17 14.36 -24.92
N VAL A 55 -14.21 13.87 -24.13
CA VAL A 55 -12.94 13.43 -24.67
C VAL A 55 -13.11 12.67 -25.96
N ILE A 56 -13.99 11.66 -25.96
CA ILE A 56 -14.27 10.87 -27.15
C ILE A 56 -14.69 11.76 -28.30
N SER A 57 -15.72 12.58 -28.10
CA SER A 57 -16.16 13.50 -29.15
C SER A 57 -14.97 14.32 -29.64
N SER A 58 -14.34 15.03 -28.71
CA SER A 58 -13.20 15.82 -29.09
C SER A 58 -12.15 15.02 -29.85
N LEU A 59 -12.06 13.72 -29.60
CA LEU A 59 -11.09 12.92 -30.34
C LEU A 59 -11.56 12.64 -31.76
N LEU A 60 -12.87 12.48 -31.94
CA LEU A 60 -13.37 12.21 -33.28
C LEU A 60 -13.40 13.52 -34.06
N ALA A 61 -13.31 14.64 -33.35
CA ALA A 61 -13.36 15.94 -34.00
C ALA A 61 -12.06 16.32 -34.74
N ASN A 62 -10.94 15.76 -34.31
CA ASN A 62 -9.65 16.02 -34.95
C ASN A 62 -8.73 14.85 -34.67
N PRO A 63 -8.46 14.02 -35.70
CA PRO A 63 -7.60 12.84 -35.60
C PRO A 63 -6.19 13.10 -35.09
N THR A 64 -5.79 14.35 -35.00
CA THR A 64 -4.46 14.64 -34.51
C THR A 64 -4.44 14.49 -33.00
N ARG A 65 -5.50 14.96 -32.35
CA ARG A 65 -5.64 14.95 -30.90
C ARG A 65 -5.39 13.58 -30.23
N ARG A 66 -4.72 13.61 -29.07
CA ARG A 66 -4.43 12.40 -28.30
C ARG A 66 -4.94 12.61 -26.88
N PHE A 67 -5.30 11.54 -26.18
CA PHE A 67 -5.77 11.67 -24.80
C PHE A 67 -5.36 10.44 -24.04
N ILE A 68 -4.93 10.63 -22.79
CA ILE A 68 -4.53 9.51 -21.96
C ILE A 68 -5.42 9.51 -20.74
N TYR A 69 -6.00 8.36 -20.44
CA TYR A 69 -6.87 8.24 -19.27
C TYR A 69 -6.24 7.23 -18.33
N VAL A 70 -6.32 7.49 -17.03
CA VAL A 70 -5.67 6.61 -16.06
C VAL A 70 -6.45 5.77 -15.07
N GLU A 71 -7.49 6.32 -14.48
CA GLU A 71 -8.24 5.56 -13.48
C GLU A 71 -9.23 4.56 -14.07
N ILE A 72 -8.84 3.30 -14.08
CA ILE A 72 -9.69 2.27 -14.64
C ILE A 72 -11.02 2.08 -13.92
N ALA A 73 -11.04 2.35 -12.61
CA ALA A 73 -12.27 2.21 -11.84
C ALA A 73 -13.39 3.10 -12.37
N PHE A 74 -13.04 4.29 -12.88
CA PHE A 74 -14.03 5.21 -13.43
C PHE A 74 -14.37 4.81 -14.86
N PHE A 75 -13.34 4.48 -15.62
CA PHE A 75 -13.52 4.08 -17.00
C PHE A 75 -14.33 2.79 -17.09
N SER A 76 -13.97 1.83 -16.26
CA SER A 76 -14.66 0.55 -16.21
C SER A 76 -16.15 0.79 -16.10
N ARG A 77 -16.55 1.63 -15.17
CA ARG A 77 -17.97 1.91 -15.01
C ARG A 77 -18.56 2.50 -16.26
N TRP A 78 -18.08 3.67 -16.64
CA TRP A 78 -18.55 4.35 -17.85
C TRP A 78 -18.75 3.37 -19.00
N TRP A 79 -17.75 2.52 -19.21
CA TRP A 79 -17.79 1.55 -20.28
C TRP A 79 -19.06 0.68 -20.31
N ARG A 80 -19.35 -0.01 -19.21
CA ARG A 80 -20.54 -0.86 -19.18
C ARG A 80 -21.80 -0.06 -19.46
N GLN A 81 -21.68 1.24 -19.27
CA GLN A 81 -22.78 2.15 -19.45
C GLN A 81 -22.98 2.52 -20.92
N GLN A 82 -22.01 2.20 -21.76
CA GLN A 82 -22.10 2.55 -23.19
C GLN A 82 -22.81 1.54 -24.10
N THR A 83 -23.15 1.99 -25.31
CA THR A 83 -23.83 1.18 -26.31
C THR A 83 -22.78 0.44 -27.15
N ASN A 84 -23.20 -0.62 -27.84
CA ASN A 84 -22.28 -1.38 -28.67
C ASN A 84 -21.63 -0.50 -29.73
N ALA A 85 -22.40 0.45 -30.24
CA ALA A 85 -21.95 1.41 -31.25
C ALA A 85 -20.74 2.13 -30.71
N THR A 86 -20.95 2.87 -29.61
CA THR A 86 -19.88 3.64 -28.96
C THR A 86 -18.66 2.78 -28.67
N GLN A 87 -18.88 1.61 -28.07
CA GLN A 87 -17.79 0.68 -27.75
C GLN A 87 -16.96 0.28 -28.99
N LYS A 88 -17.63 0.06 -30.12
CA LYS A 88 -16.96 -0.31 -31.37
C LYS A 88 -16.07 0.86 -31.83
N ILE A 89 -16.60 2.06 -31.70
CA ILE A 89 -15.90 3.27 -32.06
C ILE A 89 -14.66 3.42 -31.20
N VAL A 90 -14.87 3.60 -29.91
CA VAL A 90 -13.78 3.79 -28.96
C VAL A 90 -12.64 2.77 -29.11
N ARG A 91 -13.00 1.54 -29.43
CA ARG A 91 -11.99 0.50 -29.57
C ARG A 91 -11.09 0.83 -30.74
N GLU A 92 -11.63 1.53 -31.72
CA GLU A 92 -10.85 1.93 -32.88
C GLU A 92 -9.90 3.11 -32.54
N LEU A 93 -10.36 3.98 -31.63
CA LEU A 93 -9.56 5.12 -31.20
C LEU A 93 -8.34 4.59 -30.45
N VAL A 94 -8.55 3.50 -29.72
CA VAL A 94 -7.46 2.88 -28.95
C VAL A 94 -6.57 2.14 -29.96
N ARG A 95 -7.17 1.41 -30.89
CA ARG A 95 -6.38 0.65 -31.87
C ARG A 95 -5.34 1.55 -32.56
N GLN A 96 -5.77 2.72 -32.98
CA GLN A 96 -4.85 3.63 -33.65
C GLN A 96 -4.19 4.62 -32.72
N GLY A 97 -4.30 4.34 -31.42
CA GLY A 97 -3.69 5.15 -30.38
C GLY A 97 -4.13 6.57 -30.14
N ARG A 98 -5.37 6.90 -30.48
CA ARG A 98 -5.84 8.25 -30.26
C ARG A 98 -6.28 8.31 -28.82
N LEU A 99 -6.51 7.13 -28.25
CA LEU A 99 -6.86 7.03 -26.84
C LEU A 99 -5.87 6.03 -26.30
N GLU A 100 -5.12 6.49 -25.31
CA GLU A 100 -4.08 5.70 -24.67
C GLU A 100 -4.28 5.64 -23.16
N PHE A 101 -3.88 4.52 -22.58
CA PHE A 101 -4.03 4.34 -21.14
C PHE A 101 -2.68 4.49 -20.48
N ALA A 102 -2.63 5.30 -19.42
CA ALA A 102 -1.37 5.57 -18.73
C ALA A 102 -0.95 4.64 -17.60
N ASN A 103 -1.67 4.59 -16.50
CA ASN A 103 -1.23 3.72 -15.42
C ASN A 103 -1.80 2.31 -15.53
N GLY A 104 -3.11 2.22 -15.77
CA GLY A 104 -3.76 0.93 -15.94
C GLY A 104 -4.29 0.28 -14.68
N GLY A 105 -3.95 0.86 -13.53
CA GLY A 105 -4.44 0.30 -12.28
C GLY A 105 -5.91 0.63 -12.09
N TRP A 106 -6.54 -0.02 -11.14
CA TRP A 106 -7.94 0.23 -10.86
C TRP A 106 -8.00 1.67 -10.41
N VAL A 107 -6.93 2.08 -9.74
CA VAL A 107 -6.76 3.44 -9.24
C VAL A 107 -5.27 3.76 -9.27
N MET A 108 -4.92 4.98 -8.92
CA MET A 108 -3.51 5.37 -8.84
C MET A 108 -3.21 5.27 -7.33
N ASN A 109 -2.70 4.12 -6.92
CA ASN A 109 -2.42 3.84 -5.52
C ASN A 109 -1.34 4.69 -4.91
N ASP A 110 -1.40 4.76 -3.59
CA ASP A 110 -0.44 5.50 -2.77
C ASP A 110 0.80 4.64 -2.60
N GLU A 111 1.94 5.25 -2.25
CA GLU A 111 3.15 4.45 -2.12
C GLU A 111 3.75 4.31 -0.72
N ALA A 112 3.18 4.99 0.27
CA ALA A 112 3.76 4.90 1.61
C ALA A 112 3.07 3.89 2.54
N THR A 113 1.75 3.78 2.43
CA THR A 113 1.00 2.89 3.29
C THR A 113 0.45 1.61 2.66
N THR A 114 0.66 1.44 1.36
CA THR A 114 0.18 0.24 0.70
C THR A 114 1.09 -0.96 0.85
N HIS A 115 0.49 -2.15 0.84
CA HIS A 115 1.18 -3.42 0.97
C HIS A 115 1.51 -3.85 -0.44
N TYR A 116 2.74 -4.29 -0.71
CA TYR A 116 3.10 -4.68 -2.08
C TYR A 116 2.10 -5.67 -2.72
N GLY A 117 1.57 -6.59 -1.92
CA GLY A 117 0.63 -7.57 -2.43
C GLY A 117 -0.68 -6.96 -2.83
N ALA A 118 -1.12 -5.97 -2.06
CA ALA A 118 -2.38 -5.30 -2.33
C ALA A 118 -2.25 -4.42 -3.56
N ILE A 119 -1.08 -3.82 -3.74
CA ILE A 119 -0.83 -2.97 -4.89
C ILE A 119 -0.95 -3.81 -6.16
N ILE A 120 -0.53 -5.06 -6.08
CA ILE A 120 -0.60 -5.94 -7.23
C ILE A 120 -2.04 -6.32 -7.57
N ASP A 121 -2.82 -6.73 -6.58
CA ASP A 121 -4.21 -7.08 -6.84
C ASP A 121 -4.89 -5.91 -7.53
N GLN A 122 -4.63 -4.71 -7.01
CA GLN A 122 -5.19 -3.48 -7.53
C GLN A 122 -4.79 -3.28 -9.00
N MET A 123 -3.50 -3.41 -9.29
CA MET A 123 -3.03 -3.22 -10.65
C MET A 123 -3.60 -4.29 -11.60
N THR A 124 -3.43 -5.55 -11.22
CA THR A 124 -3.93 -6.66 -12.02
C THR A 124 -5.38 -6.43 -12.39
N LEU A 125 -6.14 -5.85 -11.47
CA LEU A 125 -7.54 -5.60 -11.69
C LEU A 125 -7.80 -4.59 -12.80
N GLY A 126 -7.00 -3.53 -12.86
CA GLY A 126 -7.19 -2.54 -13.88
C GLY A 126 -6.72 -3.09 -15.21
N LEU A 127 -5.48 -3.57 -15.21
CA LEU A 127 -4.85 -4.15 -16.38
C LEU A 127 -5.66 -5.32 -16.91
N ARG A 128 -6.41 -5.97 -16.03
CA ARG A 128 -7.23 -7.09 -16.44
C ARG A 128 -8.37 -6.56 -17.34
N PHE A 129 -9.03 -5.50 -16.88
CA PHE A 129 -10.13 -4.91 -17.65
C PHE A 129 -9.68 -4.47 -19.03
N LEU A 130 -8.61 -3.68 -19.06
CA LEU A 130 -8.07 -3.17 -20.31
C LEU A 130 -7.73 -4.35 -21.19
N GLU A 131 -7.01 -5.30 -20.63
CA GLU A 131 -6.60 -6.46 -21.40
C GLU A 131 -7.72 -7.08 -22.19
N GLU A 132 -8.76 -7.53 -21.52
CA GLU A 132 -9.87 -8.17 -22.19
C GLU A 132 -10.89 -7.27 -22.87
N THR A 133 -10.61 -5.97 -22.90
CA THR A 133 -11.54 -5.06 -23.54
C THR A 133 -10.91 -4.47 -24.80
N PHE A 134 -9.59 -4.25 -24.75
CA PHE A 134 -8.88 -3.67 -25.87
C PHE A 134 -7.69 -4.50 -26.35
N GLY A 135 -7.36 -5.57 -25.63
CA GLY A 135 -6.23 -6.40 -26.01
C GLY A 135 -4.90 -5.71 -25.87
N SER A 136 -3.91 -6.18 -26.63
CA SER A 136 -2.55 -5.62 -26.61
C SER A 136 -2.60 -4.10 -26.80
N ASP A 137 -3.49 -3.66 -27.68
CA ASP A 137 -3.65 -2.24 -27.97
C ASP A 137 -4.02 -1.29 -26.82
N GLY A 138 -4.54 -1.82 -25.72
CA GLY A 138 -4.92 -0.95 -24.63
C GLY A 138 -4.07 -1.17 -23.40
N ARG A 139 -2.89 -1.75 -23.60
CA ARG A 139 -2.00 -2.01 -22.50
C ARG A 139 -1.07 -0.81 -22.24
N PRO A 140 -1.06 -0.29 -21.02
CA PRO A 140 -0.16 0.85 -20.76
C PRO A 140 1.30 0.48 -21.03
N ARG A 141 2.12 1.47 -21.36
CA ARG A 141 3.53 1.24 -21.62
C ARG A 141 4.35 1.93 -20.52
N VAL A 142 3.81 3.01 -19.97
CA VAL A 142 4.45 3.78 -18.90
C VAL A 142 3.57 3.85 -17.66
N ALA A 143 4.14 4.12 -16.49
CA ALA A 143 3.34 4.21 -15.28
C ALA A 143 3.14 5.70 -14.97
N TRP A 144 1.96 6.07 -14.46
CA TRP A 144 1.64 7.48 -14.25
C TRP A 144 1.30 8.00 -12.84
N HIS A 145 2.26 8.02 -11.92
CA HIS A 145 1.99 8.55 -10.57
C HIS A 145 2.29 10.03 -10.49
N ILE A 146 1.27 10.85 -10.63
CA ILE A 146 1.54 12.27 -10.61
C ILE A 146 1.27 12.92 -9.28
N ASP A 147 0.46 12.29 -8.45
CA ASP A 147 0.10 12.91 -7.19
C ASP A 147 0.59 12.26 -5.89
N PRO A 148 0.90 10.95 -5.87
CA PRO A 148 1.37 10.39 -4.59
C PRO A 148 2.44 11.26 -3.93
N PHE A 149 2.47 11.22 -2.61
CA PHE A 149 3.38 12.04 -1.79
C PHE A 149 4.74 11.38 -1.48
N GLY A 150 5.58 11.26 -2.51
CA GLY A 150 6.87 10.61 -2.31
C GLY A 150 6.77 9.27 -2.99
N HIS A 151 7.90 8.62 -3.24
CA HIS A 151 7.84 7.35 -3.95
C HIS A 151 8.72 6.28 -3.33
N SER A 152 8.17 5.06 -3.27
CA SER A 152 8.90 3.93 -2.69
C SER A 152 9.68 3.16 -3.73
N ARG A 153 10.84 2.66 -3.34
CA ARG A 153 11.64 1.90 -4.27
C ARG A 153 10.92 0.63 -4.71
N GLU A 154 10.09 0.07 -3.82
CA GLU A 154 9.37 -1.15 -4.18
C GLU A 154 8.40 -0.90 -5.34
N GLN A 155 7.69 0.22 -5.31
CA GLN A 155 6.78 0.57 -6.38
C GLN A 155 7.50 0.46 -7.73
N ALA A 156 8.69 1.06 -7.82
CA ALA A 156 9.45 1.02 -9.05
C ALA A 156 9.75 -0.42 -9.44
N SER A 157 10.13 -1.22 -8.45
CA SER A 157 10.42 -2.64 -8.65
C SER A 157 9.18 -3.36 -9.21
N LEU A 158 8.02 -3.09 -8.62
CA LEU A 158 6.77 -3.69 -9.05
C LEU A 158 6.41 -3.34 -10.47
N PHE A 159 6.49 -2.05 -10.82
CA PHE A 159 6.18 -1.65 -12.18
C PHE A 159 7.19 -2.27 -13.16
N ALA A 160 8.47 -2.22 -12.84
CA ALA A 160 9.47 -2.82 -13.70
C ALA A 160 9.12 -4.28 -13.99
N GLN A 161 8.73 -5.02 -12.94
CA GLN A 161 8.39 -6.43 -13.07
C GLN A 161 7.07 -6.64 -13.79
N MET A 162 6.28 -5.60 -13.99
CA MET A 162 5.02 -5.74 -14.71
C MET A 162 5.22 -5.46 -16.19
N GLY A 163 6.43 -5.05 -16.55
CA GLY A 163 6.75 -4.76 -17.94
C GLY A 163 6.55 -3.34 -18.43
N PHE A 164 6.54 -2.39 -17.50
CA PHE A 164 6.39 -0.99 -17.86
C PHE A 164 7.77 -0.49 -18.29
N ASP A 165 7.83 0.35 -19.31
CA ASP A 165 9.12 0.88 -19.79
C ASP A 165 9.54 2.12 -19.02
N GLY A 166 8.58 2.99 -18.75
CA GLY A 166 8.86 4.21 -18.03
C GLY A 166 7.87 4.51 -16.92
N PHE A 167 8.24 5.49 -16.09
CA PHE A 167 7.45 5.94 -14.94
C PHE A 167 7.72 7.44 -14.73
N PHE A 168 6.67 8.26 -14.76
CA PHE A 168 6.78 9.70 -14.57
C PHE A 168 6.06 10.13 -13.31
N PHE A 169 6.55 11.18 -12.64
CA PHE A 169 5.86 11.64 -11.45
C PHE A 169 6.04 13.11 -11.14
N GLY A 170 5.14 13.66 -10.33
CA GLY A 170 5.18 15.06 -9.97
C GLY A 170 5.77 15.43 -8.63
N ARG A 171 5.38 14.76 -7.55
CA ARG A 171 5.90 15.13 -6.25
C ARG A 171 7.23 14.55 -5.76
N LEU A 172 8.21 15.44 -5.53
CA LEU A 172 9.50 15.05 -4.98
C LEU A 172 9.93 16.19 -4.09
N ASP A 173 10.83 15.90 -3.16
CA ASP A 173 11.30 16.91 -2.23
C ASP A 173 11.70 18.18 -2.96
N TYR A 174 11.37 19.34 -2.41
CA TYR A 174 11.70 20.57 -3.08
C TYR A 174 13.21 20.76 -3.26
N GLN A 175 14.01 20.39 -2.26
CA GLN A 175 15.46 20.54 -2.38
C GLN A 175 16.00 19.60 -3.44
N ASP A 176 15.42 18.40 -3.52
CA ASP A 176 15.86 17.42 -4.51
C ASP A 176 15.61 17.97 -5.90
N LYS A 177 14.43 18.53 -6.11
CA LYS A 177 14.09 19.09 -7.40
C LYS A 177 15.05 20.19 -7.82
N LYS A 178 15.23 21.17 -6.93
CA LYS A 178 16.13 22.28 -7.19
C LYS A 178 17.46 21.78 -7.73
N VAL A 179 18.08 20.87 -6.99
CA VAL A 179 19.36 20.31 -7.41
C VAL A 179 19.27 19.63 -8.78
N ARG A 180 18.25 18.82 -8.98
CA ARG A 180 18.10 18.10 -10.23
C ARG A 180 18.02 19.01 -11.45
N LYS A 181 17.28 20.11 -11.37
CA LYS A 181 17.19 21.04 -12.50
C LYS A 181 18.53 21.72 -12.74
N LYS A 182 19.27 22.00 -11.67
CA LYS A 182 20.57 22.63 -11.84
C LYS A 182 21.58 21.61 -12.38
N THR A 183 21.44 20.36 -11.98
CA THR A 183 22.35 19.30 -12.43
C THR A 183 21.83 18.56 -13.67
N LEU A 184 20.86 19.15 -14.37
CA LEU A 184 20.28 18.53 -15.57
C LEU A 184 20.05 17.05 -15.33
N GLN A 185 19.47 16.73 -14.18
CA GLN A 185 19.25 15.35 -13.80
C GLN A 185 17.77 15.05 -13.55
N MET A 186 16.89 15.69 -14.31
CA MET A 186 15.47 15.47 -14.14
C MET A 186 15.06 14.05 -14.54
N GLU A 187 15.90 13.39 -15.34
CA GLU A 187 15.57 12.05 -15.78
C GLU A 187 16.76 11.12 -15.63
N GLN A 188 16.46 9.90 -15.20
CA GLN A 188 17.49 8.86 -15.00
C GLN A 188 16.87 7.47 -14.90
N VAL A 189 17.70 6.48 -14.58
CA VAL A 189 17.24 5.11 -14.46
C VAL A 189 17.24 4.71 -12.99
N TRP A 190 16.10 4.21 -12.55
CA TRP A 190 15.96 3.82 -11.15
C TRP A 190 16.12 2.31 -10.91
N ARG A 191 17.21 1.95 -10.22
CA ARG A 191 17.45 0.55 -9.86
C ARG A 191 16.74 0.36 -8.52
N ALA A 192 15.56 -0.23 -8.60
CA ALA A 192 14.70 -0.43 -7.44
C ALA A 192 14.92 -1.69 -6.65
N SER A 193 15.86 -2.52 -7.04
CA SER A 193 16.08 -3.75 -6.28
C SER A 193 17.55 -3.99 -6.01
N THR A 194 17.84 -4.44 -4.81
CA THR A 194 19.20 -4.75 -4.39
C THR A 194 19.35 -6.28 -4.41
N SER A 195 18.32 -6.94 -4.94
CA SER A 195 18.30 -8.39 -5.03
C SER A 195 18.22 -8.90 -6.45
N LEU A 196 17.19 -8.47 -7.18
CA LEU A 196 16.98 -8.88 -8.56
C LEU A 196 18.15 -8.43 -9.44
N LYS A 197 18.46 -9.23 -10.46
CA LYS A 197 19.55 -8.91 -11.37
C LYS A 197 19.13 -7.93 -12.45
N PRO A 198 19.91 -6.86 -12.63
CA PRO A 198 19.61 -5.87 -13.66
C PRO A 198 19.35 -6.59 -14.97
N PRO A 199 18.43 -6.10 -15.83
CA PRO A 199 17.50 -4.97 -16.03
C PRO A 199 16.11 -5.22 -15.41
N THR A 200 16.01 -6.32 -14.68
CA THR A 200 14.77 -6.74 -14.06
C THR A 200 14.06 -5.67 -13.25
N ALA A 201 14.81 -4.97 -12.42
CA ALA A 201 14.16 -3.96 -11.62
C ALA A 201 14.64 -2.57 -12.00
N ASP A 202 14.91 -2.37 -13.29
CA ASP A 202 15.39 -1.06 -13.76
C ASP A 202 14.26 -0.35 -14.49
N LEU A 203 13.68 0.62 -13.81
CA LEU A 203 12.58 1.40 -14.34
C LEU A 203 13.06 2.82 -14.69
N PHE A 204 12.79 3.25 -15.91
CA PHE A 204 13.19 4.59 -16.32
C PHE A 204 12.30 5.60 -15.58
N THR A 205 12.87 6.71 -15.12
CA THR A 205 12.08 7.69 -14.38
C THR A 205 12.23 9.13 -14.83
N SER A 206 11.12 9.83 -14.93
CA SER A 206 11.16 11.21 -15.37
C SER A 206 10.38 12.17 -14.50
N VAL A 207 11.06 13.19 -13.99
CA VAL A 207 10.43 14.19 -13.13
C VAL A 207 9.77 15.30 -13.95
N LEU A 208 8.44 15.32 -13.93
CA LEU A 208 7.72 16.33 -14.69
C LEU A 208 8.06 17.76 -14.24
N PRO A 209 7.85 18.73 -15.15
CA PRO A 209 8.09 20.18 -14.99
C PRO A 209 7.32 20.96 -13.89
N ASN A 210 6.02 21.13 -14.10
CA ASN A 210 5.17 21.92 -13.19
C ASN A 210 4.20 21.02 -12.42
N MET A 211 4.76 20.08 -11.69
CA MET A 211 3.97 19.12 -10.95
C MET A 211 3.21 18.32 -12.01
N TYR A 212 2.01 18.77 -12.34
CA TYR A 212 1.21 18.13 -13.37
C TYR A 212 0.22 19.11 -13.98
N ASN A 213 0.44 20.40 -13.71
CA ASN A 213 -0.45 21.43 -14.24
C ASN A 213 0.12 22.23 -15.40
N PRO A 214 -0.76 22.79 -16.22
CA PRO A 214 -0.41 23.60 -17.38
C PRO A 214 0.54 24.71 -16.98
N PRO A 215 1.27 25.27 -17.96
CA PRO A 215 2.19 26.35 -17.64
C PRO A 215 1.28 27.54 -17.35
N GLU A 216 1.69 28.42 -16.44
CA GLU A 216 0.88 29.59 -16.07
C GLU A 216 0.37 30.45 -17.23
N GLY A 217 -0.94 30.40 -17.49
CA GLY A 217 -1.51 31.18 -18.55
C GLY A 217 -2.08 30.36 -19.70
N LEU A 218 -1.80 29.07 -19.71
CA LEU A 218 -2.27 28.21 -20.79
C LEU A 218 -3.27 27.15 -20.32
N CYS A 219 -4.00 27.46 -19.26
CA CYS A 219 -5.00 26.51 -18.78
C CYS A 219 -6.34 26.88 -19.37
N TRP A 220 -6.84 26.03 -20.27
CA TRP A 220 -8.09 26.29 -20.93
C TRP A 220 -9.28 25.47 -20.51
N ASP A 221 -9.17 24.74 -19.41
CA ASP A 221 -10.30 23.96 -18.95
C ASP A 221 -11.45 24.90 -18.57
N MET A 222 -12.62 24.33 -18.28
CA MET A 222 -13.76 25.14 -17.89
C MET A 222 -13.56 25.66 -16.48
N LEU A 223 -12.56 25.09 -15.79
CA LEU A 223 -12.25 25.45 -14.41
C LEU A 223 -11.24 26.60 -14.28
N CYS A 224 -10.43 26.83 -15.32
CA CYS A 224 -9.48 27.92 -15.27
C CYS A 224 -10.17 29.11 -15.96
N ALA A 225 -9.54 30.29 -15.89
CA ALA A 225 -10.10 31.48 -16.53
C ALA A 225 -9.09 32.13 -17.44
N ASP A 226 -8.00 31.42 -17.76
CA ASP A 226 -6.96 31.97 -18.63
C ASP A 226 -7.55 32.48 -19.94
N LYS A 227 -7.00 33.58 -20.45
CA LYS A 227 -7.50 34.14 -21.69
C LYS A 227 -7.33 33.15 -22.82
N PRO A 228 -8.41 32.86 -23.57
CA PRO A 228 -8.42 31.94 -24.69
C PRO A 228 -7.75 32.54 -25.93
N VAL A 229 -7.45 31.70 -26.91
CA VAL A 229 -6.79 32.17 -28.12
C VAL A 229 -7.74 32.95 -29.03
N VAL A 230 -7.37 34.19 -29.36
CA VAL A 230 -8.16 35.04 -30.24
C VAL A 230 -7.29 35.39 -31.44
N GLU A 231 -7.71 34.96 -32.63
CA GLU A 231 -6.97 35.19 -33.86
C GLU A 231 -7.46 36.38 -34.70
N ASP A 232 -8.75 36.65 -34.67
CA ASP A 232 -9.33 37.75 -35.45
C ASP A 232 -8.43 38.97 -35.27
N THR A 233 -7.74 39.31 -36.36
CA THR A 233 -6.81 40.43 -36.38
C THR A 233 -7.45 41.81 -36.19
N ARG A 234 -8.74 41.92 -36.51
CA ARG A 234 -9.46 43.19 -36.38
C ARG A 234 -10.14 43.30 -35.03
N SER A 235 -9.96 42.29 -34.19
CA SER A 235 -10.59 42.28 -32.89
C SER A 235 -9.67 42.74 -31.75
N PRO A 236 -10.15 43.69 -30.91
CA PRO A 236 -9.40 44.23 -29.77
C PRO A 236 -8.88 43.18 -28.79
N GLU A 237 -9.55 42.03 -28.70
CA GLU A 237 -9.13 40.98 -27.78
C GLU A 237 -7.99 40.14 -28.38
N TYR A 238 -7.48 40.56 -29.53
CA TYR A 238 -6.40 39.86 -30.20
C TYR A 238 -5.18 39.64 -29.31
N ASN A 239 -4.81 38.38 -29.13
CA ASN A 239 -3.66 38.03 -28.29
C ASN A 239 -2.86 36.88 -28.91
N ALA A 240 -3.19 36.52 -30.15
CA ALA A 240 -2.49 35.44 -30.83
C ALA A 240 -0.98 35.68 -30.90
N LYS A 241 -0.58 36.90 -31.25
CA LYS A 241 0.84 37.22 -31.34
C LYS A 241 1.59 37.15 -30.02
N GLU A 242 1.09 37.85 -29.01
CA GLU A 242 1.75 37.83 -27.71
C GLU A 242 1.82 36.41 -27.18
N LEU A 243 0.76 35.65 -27.42
CA LEU A 243 0.65 34.27 -27.00
C LEU A 243 1.87 33.44 -27.43
N VAL A 244 2.12 33.44 -28.73
CA VAL A 244 3.25 32.72 -29.32
C VAL A 244 4.60 33.24 -28.79
N ARG A 245 4.69 34.55 -28.57
CA ARG A 245 5.91 35.13 -28.06
C ARG A 245 6.14 34.53 -26.67
N TYR A 246 5.07 34.40 -25.90
CA TYR A 246 5.15 33.86 -24.57
C TYR A 246 5.60 32.42 -24.61
N PHE A 247 4.84 31.59 -25.34
CA PHE A 247 5.16 30.17 -25.47
C PHE A 247 6.61 29.92 -25.81
N LEU A 248 7.05 30.34 -27.00
CA LEU A 248 8.43 30.13 -27.43
C LEU A 248 9.47 30.33 -26.33
N LYS A 249 9.34 31.43 -25.59
CA LYS A 249 10.25 31.73 -24.51
C LYS A 249 10.07 30.70 -23.41
N LEU A 250 8.83 30.32 -23.19
CA LEU A 250 8.47 29.34 -22.17
C LEU A 250 9.05 27.96 -22.41
N ALA A 251 9.06 27.55 -23.67
CA ALA A 251 9.57 26.25 -24.11
C ALA A 251 11.09 26.15 -24.07
N THR A 252 11.78 27.14 -24.64
CA THR A 252 13.25 27.13 -24.67
C THR A 252 13.83 27.27 -23.27
N ASP A 253 13.00 27.77 -22.35
CA ASP A 253 13.42 27.93 -20.95
C ASP A 253 13.43 26.55 -20.30
N GLN A 254 12.38 25.79 -20.60
CA GLN A 254 12.20 24.45 -20.07
C GLN A 254 13.20 23.47 -20.69
N GLY A 255 13.40 23.56 -22.00
CA GLY A 255 14.33 22.68 -22.68
C GLY A 255 15.64 22.60 -21.93
N LYS A 256 16.16 23.75 -21.55
CA LYS A 256 17.42 23.82 -20.84
C LYS A 256 17.50 22.92 -19.60
N LEU A 257 16.36 22.48 -19.09
CA LEU A 257 16.33 21.63 -17.90
C LEU A 257 16.46 20.15 -18.18
N TYR A 258 16.17 19.75 -19.42
CA TYR A 258 16.22 18.34 -19.81
C TYR A 258 17.27 18.00 -20.87
N ARG A 259 17.81 16.79 -20.78
CA ARG A 259 18.88 16.33 -21.66
C ARG A 259 18.65 16.16 -23.17
N THR A 260 17.43 15.83 -23.60
CA THR A 260 17.20 15.64 -25.02
C THR A 260 16.43 16.80 -25.62
N LYS A 261 16.26 16.79 -26.94
CA LYS A 261 15.54 17.85 -27.60
C LYS A 261 14.06 17.70 -27.35
N HIS A 262 13.73 16.95 -26.31
CA HIS A 262 12.32 16.68 -25.95
C HIS A 262 11.91 17.03 -24.53
N THR A 263 10.69 17.58 -24.40
CA THR A 263 10.12 17.91 -23.09
C THR A 263 8.60 17.81 -23.10
N VAL A 264 8.05 17.42 -21.97
CA VAL A 264 6.61 17.28 -21.85
C VAL A 264 5.97 18.55 -21.31
N MET A 265 4.67 18.68 -21.53
CA MET A 265 3.87 19.80 -21.03
C MET A 265 2.53 19.17 -20.71
N THR A 266 2.31 18.95 -19.41
CA THR A 266 1.08 18.33 -18.94
C THR A 266 -0.04 19.35 -18.99
N MET A 267 -0.94 19.16 -19.94
CA MET A 267 -2.07 20.06 -20.12
C MET A 267 -3.36 19.61 -19.46
N GLY A 268 -3.45 19.77 -18.15
CA GLY A 268 -4.67 19.37 -17.46
C GLY A 268 -4.46 19.12 -16.00
N SER A 269 -5.52 19.20 -15.20
CA SER A 269 -5.41 18.97 -13.77
C SER A 269 -6.55 18.16 -13.20
N ASP A 270 -6.80 18.32 -11.90
CA ASP A 270 -7.86 17.61 -11.21
C ASP A 270 -9.24 17.76 -11.82
N PHE A 271 -9.72 16.68 -12.41
CA PHE A 271 -11.06 16.65 -12.99
C PHE A 271 -11.35 17.65 -14.08
N GLN A 272 -10.44 17.76 -15.05
CA GLN A 272 -10.64 18.68 -16.17
C GLN A 272 -11.18 17.94 -17.38
N TYR A 273 -11.47 18.69 -18.44
CA TYR A 273 -12.01 18.13 -19.67
C TYR A 273 -13.47 17.74 -19.49
N GLU A 274 -14.12 18.37 -18.52
CA GLU A 274 -15.54 18.13 -18.26
C GLU A 274 -16.21 18.52 -19.58
N ASN A 275 -15.67 19.59 -20.15
CA ASN A 275 -16.09 20.08 -21.45
C ASN A 275 -14.77 20.04 -22.20
N ALA A 276 -14.47 18.89 -22.78
CA ALA A 276 -13.19 18.67 -23.46
C ALA A 276 -12.86 19.65 -24.56
N ASN A 277 -13.90 20.20 -25.17
CA ASN A 277 -13.70 21.13 -26.26
C ASN A 277 -13.01 22.44 -25.87
N THR A 278 -13.26 22.98 -24.67
CA THR A 278 -12.61 24.24 -24.31
C THR A 278 -11.12 24.05 -24.42
N TRP A 279 -10.65 22.87 -24.04
CA TRP A 279 -9.23 22.58 -24.10
C TRP A 279 -8.71 22.40 -25.52
N PHE A 280 -9.28 21.46 -26.27
CA PHE A 280 -8.81 21.19 -27.63
C PHE A 280 -8.91 22.28 -28.67
N LYS A 281 -10.01 23.03 -28.68
CA LYS A 281 -10.18 24.09 -29.65
C LYS A 281 -8.98 25.04 -29.61
N ASN A 282 -8.67 25.57 -28.43
CA ASN A 282 -7.55 26.48 -28.26
C ASN A 282 -6.19 25.82 -28.50
N LEU A 283 -6.00 24.58 -28.02
CA LEU A 283 -4.75 23.85 -28.19
C LEU A 283 -4.45 23.66 -29.67
N ASP A 284 -5.48 23.42 -30.47
CA ASP A 284 -5.32 23.24 -31.92
C ASP A 284 -4.69 24.47 -32.54
N LYS A 285 -5.22 25.64 -32.17
CA LYS A 285 -4.71 26.89 -32.66
C LYS A 285 -3.30 27.09 -32.15
N LEU A 286 -3.10 26.78 -30.88
CA LEU A 286 -1.79 26.93 -30.28
C LEU A 286 -0.69 26.20 -31.08
N ILE A 287 -0.94 24.93 -31.37
CA ILE A 287 0.01 24.11 -32.13
C ILE A 287 0.22 24.68 -33.52
N GLN A 288 -0.85 25.18 -34.12
CA GLN A 288 -0.71 25.71 -35.45
C GLN A 288 0.05 27.03 -35.46
N LEU A 289 -0.35 27.96 -34.60
CA LEU A 289 0.32 29.26 -34.53
C LEU A 289 1.81 29.22 -34.19
N VAL A 290 2.24 28.26 -33.36
CA VAL A 290 3.65 28.17 -32.97
C VAL A 290 4.51 27.41 -33.96
N ASN A 291 3.95 26.38 -34.58
CA ASN A 291 4.74 25.62 -35.54
C ASN A 291 4.79 26.41 -36.85
N ALA A 292 3.94 27.43 -36.92
CA ALA A 292 3.86 28.31 -38.08
C ALA A 292 5.07 29.26 -38.19
N GLN A 293 5.27 30.11 -37.27
N ILE B 1 16.91 29.55 -30.93
CA ILE B 1 16.66 28.09 -31.20
C ILE B 1 15.24 27.86 -31.77
N ARG B 2 15.02 26.73 -32.44
CA ARG B 2 13.72 26.44 -33.05
C ARG B 2 12.80 25.62 -32.15
N VAL B 3 11.48 25.75 -32.37
CA VAL B 3 10.53 25.01 -31.56
C VAL B 3 9.38 24.36 -32.33
N ASN B 4 9.16 23.08 -32.04
CA ASN B 4 8.08 22.32 -32.64
C ASN B 4 7.22 21.72 -31.53
N VAL B 5 5.97 22.13 -31.47
CA VAL B 5 5.07 21.63 -30.45
C VAL B 5 4.09 20.66 -31.13
N LEU B 6 3.64 19.65 -30.38
CA LEU B 6 2.71 18.65 -30.90
C LEU B 6 1.91 17.90 -29.82
N TYR B 7 0.81 17.26 -30.23
CA TYR B 7 -0.01 16.45 -29.34
C TYR B 7 0.84 15.21 -29.07
N SER B 8 0.69 14.61 -27.90
CA SER B 8 1.51 13.46 -27.62
C SER B 8 1.11 12.78 -26.31
N THR B 9 1.60 11.56 -26.13
CA THR B 9 1.31 10.81 -24.93
C THR B 9 2.62 10.55 -24.20
N PRO B 10 2.55 10.27 -22.88
CA PRO B 10 3.76 10.00 -22.09
C PRO B 10 4.60 8.89 -22.69
N ALA B 11 3.95 7.99 -23.43
CA ALA B 11 4.63 6.85 -24.04
C ALA B 11 5.44 7.24 -25.26
N CYS B 12 4.92 8.16 -26.05
CA CYS B 12 5.63 8.59 -27.24
C CYS B 12 6.82 9.45 -26.89
N TYR B 13 6.68 10.23 -25.82
CA TYR B 13 7.76 11.07 -25.35
C TYR B 13 8.88 10.16 -24.85
N LEU B 14 8.50 8.99 -24.36
CA LEU B 14 9.49 8.06 -23.84
C LEU B 14 10.18 7.36 -24.99
N TRP B 15 9.45 7.12 -26.07
CA TRP B 15 10.06 6.46 -27.21
C TRP B 15 11.15 7.34 -27.78
N GLU B 16 10.93 8.65 -27.77
CA GLU B 16 11.96 9.55 -28.31
C GLU B 16 13.17 9.54 -27.41
N LEU B 17 12.96 9.47 -26.10
CA LEU B 17 14.09 9.48 -25.16
C LEU B 17 14.93 8.24 -25.35
N ASN B 18 14.29 7.14 -25.69
CA ASN B 18 15.02 5.91 -25.91
C ASN B 18 15.83 6.06 -27.20
N LYS B 19 15.16 6.46 -28.28
CA LYS B 19 15.76 6.64 -29.60
C LYS B 19 17.06 7.44 -29.57
N ALA B 20 17.22 8.28 -28.57
CA ALA B 20 18.42 9.09 -28.48
C ALA B 20 19.67 8.34 -28.08
N ASN B 21 19.53 7.11 -27.59
CA ASN B 21 20.69 6.33 -27.16
C ASN B 21 21.68 7.16 -26.34
N LEU B 22 21.27 7.52 -25.12
CA LEU B 22 22.10 8.27 -24.21
C LEU B 22 22.49 7.32 -23.10
N SER B 23 23.12 7.86 -22.07
CA SER B 23 23.51 7.07 -20.92
C SER B 23 23.03 7.87 -19.73
N TRP B 24 22.17 7.27 -18.93
CA TRP B 24 21.62 7.95 -17.78
C TRP B 24 22.22 7.53 -16.46
N SER B 25 22.19 8.44 -15.49
CA SER B 25 22.71 8.19 -14.15
C SER B 25 21.75 7.25 -13.42
N VAL B 26 22.21 6.64 -12.34
CA VAL B 26 21.37 5.68 -11.64
C VAL B 26 20.89 6.08 -10.26
N LYS B 27 19.64 5.72 -9.97
CA LYS B 27 19.02 5.99 -8.68
C LYS B 27 18.84 4.67 -7.95
N LYS B 28 19.32 4.60 -6.71
CA LYS B 28 19.21 3.36 -5.95
C LYS B 28 18.44 3.47 -4.62
N ASP B 29 17.86 4.63 -4.34
CA ASP B 29 17.11 4.87 -3.09
C ASP B 29 15.67 5.39 -3.31
N ASP B 30 14.85 5.35 -2.27
CA ASP B 30 13.46 5.81 -2.33
C ASP B 30 13.41 7.34 -2.34
N PHE B 31 12.22 7.89 -2.55
CA PHE B 31 11.98 9.32 -2.53
C PHE B 31 11.26 9.81 -1.25
N PHE B 32 11.52 9.24 -0.08
CA PHE B 32 10.94 9.68 1.17
C PHE B 32 12.06 10.36 1.86
N PRO B 33 11.77 11.43 2.62
CA PRO B 33 10.45 12.05 2.88
C PRO B 33 10.14 13.09 1.83
N TYR B 34 8.85 13.20 1.54
CA TYR B 34 8.38 14.22 0.61
C TYR B 34 8.18 15.54 1.36
N ALA B 35 8.64 16.65 0.79
CA ALA B 35 8.47 17.97 1.41
C ALA B 35 8.36 19.06 0.34
N ASP B 36 7.17 19.64 0.21
CA ASP B 36 6.98 20.69 -0.79
C ASP B 36 7.43 22.08 -0.34
N GLY B 37 8.25 22.13 0.70
CA GLY B 37 8.75 23.41 1.17
C GLY B 37 9.15 23.37 2.63
N PRO B 38 10.06 24.26 3.05
CA PRO B 38 10.56 24.36 4.42
C PRO B 38 9.52 24.27 5.54
N TYR B 39 9.89 23.47 6.55
CA TYR B 39 9.08 23.27 7.75
C TYR B 39 7.81 22.44 7.54
N MET B 40 7.58 21.99 6.31
CA MET B 40 6.40 21.16 6.01
C MET B 40 6.70 19.82 5.34
N PHE B 41 6.42 18.74 6.04
CA PHE B 41 6.66 17.42 5.50
C PHE B 41 5.38 16.63 5.41
N TRP B 42 5.28 15.82 4.37
CA TRP B 42 4.11 15.01 4.19
C TRP B 42 4.37 13.66 4.84
N THR B 43 4.76 13.69 6.11
CA THR B 43 5.03 12.45 6.82
C THR B 43 3.98 12.10 7.87
N GLY B 44 2.94 12.91 7.95
CA GLY B 44 1.89 12.66 8.94
C GLY B 44 0.85 11.64 8.53
N TYR B 45 0.66 11.47 7.23
CA TYR B 45 -0.33 10.52 6.75
C TYR B 45 0.19 9.09 6.85
N PHE B 46 1.43 8.93 7.30
CA PHE B 46 1.99 7.60 7.43
C PHE B 46 1.24 6.87 8.53
N SER B 47 0.59 7.64 9.39
CA SER B 47 -0.16 7.07 10.50
C SER B 47 -1.58 7.60 10.57
N SER B 48 -1.91 8.59 9.76
CA SER B 48 -3.25 9.13 9.79
C SER B 48 -4.31 8.05 9.63
N ARG B 49 -5.37 8.13 10.45
CA ARG B 49 -6.47 7.17 10.42
C ARG B 49 -6.07 5.70 10.67
N PRO B 50 -5.57 5.39 11.87
CA PRO B 50 -5.14 4.04 12.26
C PRO B 50 -6.18 2.95 12.02
N ALA B 51 -7.42 3.23 12.44
CA ALA B 51 -8.53 2.30 12.29
C ALA B 51 -8.68 1.83 10.86
N LEU B 52 -8.93 2.76 9.95
CA LEU B 52 -9.09 2.37 8.56
C LEU B 52 -7.86 1.63 8.05
N LYS B 53 -6.69 2.18 8.31
CA LYS B 53 -5.46 1.54 7.87
C LYS B 53 -5.44 0.07 8.23
N ARG B 54 -5.85 -0.25 9.46
CA ARG B 54 -5.88 -1.63 9.93
C ARG B 54 -7.02 -2.44 9.29
N TYR B 55 -8.16 -1.79 9.07
CA TYR B 55 -9.32 -2.45 8.47
C TYR B 55 -8.97 -2.98 7.09
N GLU B 56 -8.16 -2.21 6.37
CA GLU B 56 -7.75 -2.61 5.03
C GLU B 56 -6.72 -3.71 5.05
N ARG B 57 -5.63 -3.53 5.79
CA ARG B 57 -4.60 -4.58 5.80
C ARG B 57 -5.17 -5.90 6.30
N LEU B 58 -6.33 -5.83 6.92
CA LEU B 58 -7.00 -7.01 7.44
C LEU B 58 -7.86 -7.61 6.35
N SER B 59 -8.53 -6.74 5.60
CA SER B 59 -9.37 -7.22 4.51
C SER B 59 -8.49 -7.95 3.49
N TYR B 60 -7.21 -7.57 3.43
CA TYR B 60 -6.28 -8.23 2.53
C TYR B 60 -6.14 -9.70 2.94
N ASN B 61 -5.77 -9.92 4.20
CA ASN B 61 -5.58 -11.24 4.75
C ASN B 61 -6.82 -12.06 4.46
N PHE B 62 -7.96 -11.38 4.57
CA PHE B 62 -9.26 -11.99 4.37
C PHE B 62 -9.56 -12.36 2.92
N LEU B 63 -9.37 -11.40 2.01
CA LEU B 63 -9.63 -11.66 0.60
C LEU B 63 -8.78 -12.85 0.14
N GLN B 64 -7.54 -12.89 0.63
CA GLN B 64 -6.61 -13.96 0.30
C GLN B 64 -7.22 -15.32 0.65
N VAL B 65 -7.58 -15.47 1.91
CA VAL B 65 -8.19 -16.68 2.40
C VAL B 65 -9.38 -16.97 1.52
N CYS B 66 -10.15 -15.94 1.21
CA CYS B 66 -11.33 -16.09 0.35
C CYS B 66 -10.88 -16.66 -1.00
N ASN B 67 -9.85 -16.06 -1.59
CA ASN B 67 -9.34 -16.52 -2.88
C ASN B 67 -8.89 -17.97 -2.84
N GLN B 68 -8.01 -18.29 -1.89
CA GLN B 68 -7.50 -19.65 -1.75
C GLN B 68 -8.61 -20.67 -1.64
N LEU B 69 -9.69 -20.36 -0.92
CA LEU B 69 -10.77 -21.34 -0.78
C LEU B 69 -11.59 -21.55 -2.05
N GLU B 70 -11.79 -20.47 -2.80
CA GLU B 70 -12.54 -20.50 -4.04
C GLU B 70 -11.76 -21.37 -5.02
N ALA B 71 -10.43 -21.32 -4.90
CA ALA B 71 -9.54 -22.08 -5.77
C ALA B 71 -9.56 -23.56 -5.44
N LEU B 72 -9.57 -23.89 -4.16
CA LEU B 72 -9.59 -25.28 -3.73
C LEU B 72 -10.94 -25.98 -4.00
N ALA B 73 -12.05 -25.24 -3.94
CA ALA B 73 -13.36 -25.83 -4.23
C ALA B 73 -13.62 -25.70 -5.74
N GLY B 74 -14.33 -26.63 -6.36
CA GLY B 74 -14.56 -26.49 -7.79
C GLY B 74 -16.00 -26.34 -8.28
N PRO B 75 -16.76 -25.32 -7.84
CA PRO B 75 -18.16 -25.11 -8.25
C PRO B 75 -18.38 -25.10 -9.78
N ALA B 76 -17.48 -25.58 -10.52
N GLY C 1 -22.05 -16.98 -3.56
CA GLY C 1 -20.71 -16.66 -3.00
C GLY C 1 -19.81 -15.93 -3.98
N ASP C 2 -19.53 -14.64 -3.72
CA ASP C 2 -18.69 -13.87 -4.65
C ASP C 2 -17.50 -13.10 -4.04
N SER C 3 -16.30 -13.41 -4.52
CA SER C 3 -15.08 -12.77 -4.05
C SER C 3 -14.79 -11.48 -4.82
N ALA C 4 -15.53 -11.23 -5.90
CA ALA C 4 -15.33 -10.03 -6.74
C ALA C 4 -15.51 -8.71 -5.99
N PRO C 5 -16.63 -8.58 -5.26
CA PRO C 5 -16.88 -7.35 -4.50
C PRO C 5 -15.78 -6.94 -3.53
N LEU C 6 -15.19 -7.90 -2.83
CA LEU C 6 -14.15 -7.54 -1.90
C LEU C 6 -12.83 -7.19 -2.61
N ASN C 7 -12.53 -7.87 -3.71
CA ASN C 7 -11.29 -7.62 -4.48
C ASN C 7 -11.30 -6.21 -5.04
N GLU C 8 -12.50 -5.76 -5.40
CA GLU C 8 -12.74 -4.45 -5.94
C GLU C 8 -12.59 -3.34 -4.89
N ALA C 9 -13.18 -3.55 -3.71
CA ALA C 9 -13.11 -2.59 -2.61
C ALA C 9 -11.67 -2.44 -2.11
N MET C 10 -10.92 -3.54 -2.09
CA MET C 10 -9.53 -3.50 -1.67
C MET C 10 -8.73 -2.67 -2.69
N ALA C 11 -9.17 -2.69 -3.94
CA ALA C 11 -8.50 -1.91 -4.97
C ALA C 11 -8.78 -0.43 -4.70
N VAL C 12 -10.05 -0.10 -4.49
CA VAL C 12 -10.45 1.28 -4.22
C VAL C 12 -9.66 1.84 -3.07
N LEU C 13 -9.62 1.11 -1.97
CA LEU C 13 -8.90 1.61 -0.81
C LEU C 13 -7.41 1.82 -1.09
N GLN C 14 -6.94 1.33 -2.23
CA GLN C 14 -5.55 1.49 -2.53
C GLN C 14 -5.28 2.86 -3.11
N HIS C 15 -6.34 3.60 -3.35
CA HIS C 15 -6.21 4.96 -3.90
C HIS C 15 -5.20 5.75 -3.04
N HIS C 16 -4.83 6.95 -3.48
CA HIS C 16 -3.87 7.76 -2.71
C HIS C 16 -4.48 8.69 -1.68
N ASP C 17 -5.80 8.78 -1.68
CA ASP C 17 -6.50 9.61 -0.72
C ASP C 17 -7.29 8.72 0.21
N ALA C 18 -7.25 7.42 -0.01
CA ALA C 18 -8.01 6.47 0.83
C ALA C 18 -7.27 5.94 2.07
N VAL C 19 -6.46 4.90 1.89
CA VAL C 19 -5.71 4.28 2.96
C VAL C 19 -4.77 5.29 3.60
N SER C 20 -4.32 6.28 2.83
CA SER C 20 -3.42 7.31 3.33
C SER C 20 -4.20 8.18 4.33
N GLY C 21 -5.53 7.99 4.34
CA GLY C 21 -6.41 8.71 5.23
C GLY C 21 -6.47 10.19 4.93
N THR C 22 -6.23 10.54 3.67
CA THR C 22 -6.22 11.94 3.29
C THR C 22 -7.47 12.39 2.59
N SER C 23 -8.58 11.75 2.91
CA SER C 23 -9.85 12.13 2.31
C SER C 23 -10.76 12.65 3.42
N ARG C 24 -11.87 13.25 3.01
CA ARG C 24 -12.83 13.77 3.97
C ARG C 24 -13.51 12.63 4.72
N GLN C 25 -14.05 12.98 5.88
CA GLN C 25 -14.73 12.04 6.76
C GLN C 25 -15.82 11.22 6.06
N HIS C 26 -16.70 11.85 5.28
CA HIS C 26 -17.71 11.05 4.63
C HIS C 26 -17.15 10.06 3.61
N VAL C 27 -16.06 10.44 2.93
CA VAL C 27 -15.43 9.55 1.96
C VAL C 27 -14.72 8.44 2.72
N ALA C 28 -14.22 8.77 3.91
CA ALA C 28 -13.58 7.75 4.76
C ALA C 28 -14.64 6.78 5.30
N ASN C 29 -15.89 7.23 5.44
CA ASN C 29 -16.95 6.37 5.92
C ASN C 29 -17.40 5.47 4.76
N ASP C 30 -17.56 6.03 3.58
CA ASP C 30 -18.00 5.25 2.42
C ASP C 30 -16.92 4.25 1.99
N TYR C 31 -15.67 4.50 2.36
CA TYR C 31 -14.60 3.58 1.99
C TYR C 31 -14.80 2.32 2.81
N ALA C 32 -14.96 2.50 4.13
CA ALA C 32 -15.16 1.39 5.03
C ALA C 32 -16.44 0.66 4.67
N ARG C 33 -17.43 1.42 4.20
CA ARG C 33 -18.71 0.85 3.79
C ARG C 33 -18.53 -0.11 2.63
N GLN C 34 -17.78 0.27 1.60
CA GLN C 34 -17.53 -0.60 0.44
C GLN C 34 -16.85 -1.88 0.88
N LEU C 35 -15.98 -1.78 1.88
CA LEU C 35 -15.27 -2.95 2.41
C LEU C 35 -16.18 -3.88 3.18
N SER C 36 -17.05 -3.30 4.00
CA SER C 36 -17.96 -4.09 4.79
C SER C 36 -18.83 -4.94 3.86
N GLU C 37 -19.35 -4.30 2.82
CA GLU C 37 -20.20 -4.98 1.87
C GLU C 37 -19.50 -6.01 0.99
N GLY C 38 -18.17 -6.01 1.01
CA GLY C 38 -17.43 -6.98 0.22
C GLY C 38 -17.16 -8.25 1.04
N TRP C 39 -17.24 -8.10 2.36
CA TRP C 39 -16.99 -9.20 3.28
C TRP C 39 -18.13 -10.23 3.32
N ARG C 40 -19.33 -9.81 3.00
CA ARG C 40 -20.45 -10.74 3.03
C ARG C 40 -20.36 -11.80 1.94
N PRO C 41 -20.37 -11.39 0.67
CA PRO C 41 -20.29 -12.39 -0.40
C PRO C 41 -19.12 -13.33 -0.23
N CYS C 42 -18.04 -12.85 0.38
CA CYS C 42 -16.86 -13.70 0.57
C CYS C 42 -17.03 -14.81 1.59
N GLU C 43 -17.70 -14.50 2.70
CA GLU C 43 -17.92 -15.53 3.71
C GLU C 43 -19.00 -16.47 3.22
N VAL C 44 -19.78 -16.02 2.24
CA VAL C 44 -20.78 -16.88 1.66
C VAL C 44 -19.94 -17.90 0.88
N LEU C 45 -18.99 -17.40 0.09
CA LEU C 45 -18.12 -18.26 -0.70
C LEU C 45 -17.34 -19.22 0.21
N MET C 46 -16.91 -18.70 1.35
CA MET C 46 -16.14 -19.47 2.32
C MET C 46 -16.99 -20.55 2.98
N SER C 47 -18.28 -20.32 3.12
CA SER C 47 -19.12 -21.33 3.69
C SER C 47 -19.22 -22.50 2.71
N ASN C 48 -19.60 -22.21 1.47
CA ASN C 48 -19.72 -23.26 0.47
C ASN C 48 -18.41 -24.02 0.31
N ALA C 49 -17.31 -23.28 0.25
CA ALA C 49 -16.00 -23.92 0.11
C ALA C 49 -15.78 -24.97 1.18
N LEU C 50 -15.94 -24.58 2.44
CA LEU C 50 -15.74 -25.48 3.57
C LEU C 50 -16.73 -26.62 3.61
N ALA C 51 -18.02 -26.29 3.51
CA ALA C 51 -19.04 -27.33 3.53
C ALA C 51 -18.60 -28.39 2.52
N HIS C 52 -18.19 -27.96 1.34
CA HIS C 52 -17.75 -28.90 0.32
C HIS C 52 -16.51 -29.66 0.79
N LEU C 53 -15.47 -28.94 1.19
CA LEU C 53 -14.26 -29.61 1.61
C LEU C 53 -14.34 -30.52 2.86
N SER C 54 -15.22 -30.19 3.81
CA SER C 54 -15.33 -31.00 5.04
C SER C 54 -16.62 -31.83 5.17
N GLY C 55 -17.63 -31.53 4.36
CA GLY C 55 -18.86 -32.30 4.44
C GLY C 55 -19.72 -31.94 5.64
N LEU C 56 -19.14 -31.19 6.57
CA LEU C 56 -19.85 -30.79 7.78
C LEU C 56 -21.23 -30.15 7.47
N LYS C 57 -22.26 -30.56 8.20
CA LYS C 57 -23.64 -30.09 7.95
C LYS C 57 -24.10 -28.74 8.52
N GLU C 58 -23.49 -28.33 9.63
CA GLU C 58 -23.86 -27.08 10.31
C GLU C 58 -23.66 -25.80 9.51
N ASP C 59 -24.49 -24.82 9.84
CA ASP C 59 -24.35 -23.53 9.20
C ASP C 59 -23.25 -22.80 9.96
N PHE C 60 -22.22 -22.40 9.21
CA PHE C 60 -21.07 -21.68 9.73
C PHE C 60 -21.49 -20.27 10.09
N ALA C 61 -20.58 -19.52 10.70
CA ALA C 61 -20.83 -18.14 11.08
C ALA C 61 -19.47 -17.51 11.29
N PHE C 62 -19.41 -16.18 11.21
CA PHE C 62 -18.13 -15.50 11.38
C PHE C 62 -18.15 -14.51 12.53
N CYS C 63 -17.02 -14.40 13.23
CA CYS C 63 -16.92 -13.48 14.36
C CYS C 63 -16.06 -12.27 13.99
N ARG C 64 -16.71 -11.23 13.50
CA ARG C 64 -16.01 -10.01 13.09
C ARG C 64 -15.50 -9.14 14.24
N LYS C 65 -16.04 -9.29 15.44
CA LYS C 65 -15.59 -8.46 16.54
C LYS C 65 -14.62 -9.04 17.55
N LEU C 66 -13.96 -10.15 17.19
CA LEU C 66 -12.98 -10.79 18.09
C LEU C 66 -12.07 -9.68 18.51
N ASN C 67 -12.03 -8.69 17.64
CA ASN C 67 -11.28 -7.47 17.76
C ASN C 67 -11.45 -6.78 19.13
N ILE C 68 -12.58 -7.02 19.79
CA ILE C 68 -12.82 -6.38 21.08
C ILE C 68 -13.49 -7.30 22.09
N SER C 69 -13.29 -8.61 21.91
CA SER C 69 -13.86 -9.61 22.81
C SER C 69 -15.36 -9.77 22.69
N ILE C 70 -15.85 -9.81 21.45
CA ILE C 70 -17.28 -9.99 21.26
C ILE C 70 -17.63 -10.98 20.16
N CYS C 71 -18.42 -11.98 20.55
CA CYS C 71 -18.87 -13.03 19.65
C CYS C 71 -20.03 -13.79 20.27
N PRO C 72 -21.27 -13.43 19.91
CA PRO C 72 -22.45 -14.09 20.45
C PRO C 72 -22.39 -15.62 20.54
N LEU C 73 -21.91 -16.27 19.50
CA LEU C 73 -21.85 -17.73 19.50
C LEU C 73 -20.96 -18.34 20.60
N THR C 74 -19.76 -17.81 20.76
CA THR C 74 -18.84 -18.36 21.74
C THR C 74 -19.09 -17.93 23.18
N GLN C 75 -20.05 -17.05 23.37
CA GLN C 75 -20.36 -16.62 24.72
C GLN C 75 -21.76 -17.10 25.13
N THR C 76 -22.40 -17.87 24.25
CA THR C 76 -23.75 -18.40 24.49
C THR C 76 -23.90 -19.90 24.27
N ALA C 77 -23.33 -20.43 23.19
CA ALA C 77 -23.46 -21.85 22.89
C ALA C 77 -22.78 -22.76 23.91
N GLU C 78 -23.37 -23.92 24.15
CA GLU C 78 -22.79 -24.89 25.09
C GLU C 78 -21.96 -25.90 24.32
N ARG C 79 -22.23 -26.02 23.02
CA ARG C 79 -21.51 -26.94 22.15
C ARG C 79 -21.31 -26.29 20.77
N PHE C 80 -20.05 -26.13 20.38
CA PHE C 80 -19.75 -25.52 19.09
C PHE C 80 -18.38 -25.91 18.59
N GLN C 81 -18.11 -25.60 17.33
CA GLN C 81 -16.83 -25.92 16.72
C GLN C 81 -16.04 -24.70 16.22
N VAL C 82 -14.73 -24.88 16.15
CA VAL C 82 -13.81 -23.85 15.69
C VAL C 82 -13.05 -24.31 14.44
N ILE C 83 -13.36 -23.74 13.28
CA ILE C 83 -12.63 -24.13 12.08
C ILE C 83 -11.56 -23.07 11.89
N VAL C 84 -10.29 -23.46 11.97
CA VAL C 84 -9.21 -22.49 11.76
C VAL C 84 -8.49 -22.75 10.44
N TYR C 85 -8.59 -21.80 9.50
CA TYR C 85 -7.94 -21.93 8.20
C TYR C 85 -6.59 -21.23 8.19
N ASN C 86 -5.60 -21.86 7.56
CA ASN C 86 -4.25 -21.32 7.47
C ASN C 86 -3.86 -21.11 6.02
N PRO C 87 -3.61 -19.85 5.63
CA PRO C 87 -3.22 -19.47 4.26
C PRO C 87 -1.74 -19.64 3.92
N LEU C 88 -0.89 -19.90 4.91
CA LEU C 88 0.54 -20.04 4.69
C LEU C 88 0.97 -21.38 4.12
N GLY C 89 2.05 -21.37 3.34
CA GLY C 89 2.54 -22.57 2.71
C GLY C 89 3.25 -23.54 3.65
N ARG C 90 2.99 -23.39 4.95
CA ARG C 90 3.58 -24.26 5.97
C ARG C 90 2.58 -24.38 7.10
N LYS C 91 2.81 -25.31 8.01
CA LYS C 91 1.91 -25.55 9.12
C LYS C 91 1.97 -24.43 10.15
N VAL C 92 0.85 -24.21 10.83
CA VAL C 92 0.79 -23.20 11.89
C VAL C 92 0.38 -23.86 13.20
N ASP C 93 0.92 -23.34 14.28
CA ASP C 93 0.62 -23.79 15.64
C ASP C 93 0.23 -22.44 16.21
N TRP C 94 -1.00 -22.06 15.95
CA TRP C 94 -1.56 -20.77 16.37
C TRP C 94 -2.52 -20.79 17.56
N MET C 95 -2.47 -19.76 18.40
CA MET C 95 -3.36 -19.70 19.57
C MET C 95 -4.73 -19.14 19.27
N VAL C 96 -5.77 -19.85 19.66
CA VAL C 96 -7.14 -19.37 19.47
C VAL C 96 -7.57 -18.63 20.73
N ARG C 97 -8.34 -17.56 20.59
CA ARG C 97 -8.79 -16.76 21.72
C ARG C 97 -10.23 -16.29 21.49
N LEU C 98 -11.19 -17.05 22.02
CA LEU C 98 -12.60 -16.69 21.88
C LEU C 98 -13.25 -16.30 23.20
N PRO C 99 -14.20 -15.34 23.17
CA PRO C 99 -14.89 -14.89 24.38
C PRO C 99 -15.97 -15.89 24.84
N VAL C 100 -15.86 -16.36 26.08
CA VAL C 100 -16.85 -17.30 26.62
C VAL C 100 -17.47 -16.80 27.90
N SER C 101 -18.45 -17.56 28.40
CA SER C 101 -19.16 -17.25 29.63
C SER C 101 -18.36 -17.83 30.80
N LYS C 102 -18.76 -17.49 32.02
CA LYS C 102 -18.05 -17.96 33.19
C LYS C 102 -18.14 -19.45 33.49
N HIS C 103 -17.71 -20.28 32.54
CA HIS C 103 -17.74 -21.74 32.71
C HIS C 103 -16.40 -22.36 32.36
N VAL C 104 -16.36 -23.68 32.41
CA VAL C 104 -15.18 -24.46 32.10
C VAL C 104 -15.44 -25.17 30.78
N TYR C 105 -14.50 -25.10 29.83
CA TYR C 105 -14.69 -25.77 28.54
C TYR C 105 -13.67 -26.85 28.24
N LEU C 106 -14.15 -27.89 27.57
CA LEU C 106 -13.33 -29.03 27.20
C LEU C 106 -13.08 -28.93 25.68
N VAL C 107 -11.82 -29.02 25.27
CA VAL C 107 -11.48 -28.93 23.84
C VAL C 107 -10.91 -30.20 23.21
N LYS C 108 -11.56 -30.66 22.15
CA LYS C 108 -11.09 -31.85 21.44
C LYS C 108 -10.63 -31.47 20.04
N ASP C 109 -9.49 -32.02 19.63
CA ASP C 109 -8.91 -31.75 18.32
C ASP C 109 -9.53 -32.57 17.19
N PRO C 110 -8.93 -32.49 15.98
CA PRO C 110 -9.41 -33.23 14.82
C PRO C 110 -9.57 -34.73 15.05
N GLY C 111 -8.64 -35.30 15.79
CA GLY C 111 -8.68 -36.71 16.10
C GLY C 111 -9.72 -37.07 17.16
N GLY C 112 -10.01 -36.13 18.07
CA GLY C 112 -10.99 -36.38 19.12
C GLY C 112 -10.36 -36.39 20.50
N LYS C 113 -9.03 -36.37 20.55
CA LYS C 113 -8.28 -36.37 21.81
C LYS C 113 -8.38 -35.02 22.51
N ILE C 114 -8.52 -35.04 23.84
CA ILE C 114 -8.63 -33.81 24.61
C ILE C 114 -7.36 -32.99 24.62
N VAL C 115 -7.47 -31.78 24.11
CA VAL C 115 -6.36 -30.86 24.03
C VAL C 115 -6.41 -29.83 25.16
N PRO C 116 -5.24 -29.42 25.67
CA PRO C 116 -5.17 -28.43 26.75
C PRO C 116 -5.95 -27.14 26.42
N SER C 117 -6.69 -26.65 27.40
CA SER C 117 -7.47 -25.45 27.21
C SER C 117 -7.27 -24.59 28.43
N ASP C 118 -7.83 -23.38 28.42
CA ASP C 118 -7.72 -22.49 29.57
C ASP C 118 -8.59 -21.24 29.40
N VAL C 119 -9.48 -21.00 30.35
CA VAL C 119 -10.32 -19.82 30.28
C VAL C 119 -9.63 -18.66 31.01
N VAL C 120 -9.23 -17.64 30.26
CA VAL C 120 -8.53 -16.51 30.83
C VAL C 120 -9.44 -15.32 31.03
N THR C 121 -9.13 -14.52 32.05
CA THR C 121 -9.95 -13.36 32.32
C THR C 121 -9.33 -12.06 31.79
N ILE C 122 -10.19 -11.20 31.23
CA ILE C 122 -9.81 -9.90 30.68
C ILE C 122 -9.86 -8.86 31.82
N PRO C 123 -8.66 -8.39 32.27
CA PRO C 123 -8.60 -7.40 33.35
C PRO C 123 -9.46 -6.14 33.20
N SER C 124 -10.22 -5.89 34.27
CA SER C 124 -11.13 -4.74 34.41
C SER C 124 -12.48 -4.88 33.72
N SER C 125 -12.55 -5.61 32.62
CA SER C 125 -13.85 -5.77 31.96
C SER C 125 -14.60 -6.96 32.55
N ASP C 126 -13.89 -7.72 33.39
CA ASP C 126 -14.40 -8.92 34.03
C ASP C 126 -15.15 -9.90 33.09
N SER C 127 -14.70 -10.00 31.84
CA SER C 127 -15.27 -10.97 30.91
C SER C 127 -14.07 -11.82 30.54
N GLN C 128 -14.30 -13.01 30.00
CA GLN C 128 -13.21 -13.95 29.72
C GLN C 128 -13.11 -14.55 28.33
N GLU C 129 -12.00 -15.22 28.06
CA GLU C 129 -11.75 -15.88 26.77
C GLU C 129 -11.22 -17.32 26.90
N LEU C 130 -11.67 -18.20 26.00
CA LEU C 130 -11.24 -19.60 25.97
C LEU C 130 -9.98 -19.60 25.12
N LEU C 131 -8.98 -20.37 25.52
CA LEU C 131 -7.73 -20.44 24.77
C LEU C 131 -7.26 -21.87 24.57
N PHE C 132 -6.55 -22.09 23.46
CA PHE C 132 -5.98 -23.40 23.13
C PHE C 132 -5.15 -23.34 21.84
N SER C 133 -4.25 -24.31 21.67
CA SER C 133 -3.41 -24.36 20.48
C SER C 133 -4.13 -25.03 19.34
N ALA C 134 -4.01 -24.44 18.16
CA ALA C 134 -4.63 -25.01 16.98
C ALA C 134 -3.56 -25.30 15.94
N LEU C 135 -3.27 -26.58 15.73
CA LEU C 135 -2.27 -26.98 14.73
C LEU C 135 -2.95 -27.08 13.36
N VAL C 136 -2.54 -26.22 12.43
CA VAL C 136 -3.13 -26.20 11.10
C VAL C 136 -2.14 -26.43 9.96
N PRO C 137 -2.51 -27.30 9.01
CA PRO C 137 -1.68 -27.64 7.86
C PRO C 137 -1.58 -26.47 6.89
N ALA C 138 -0.52 -26.46 6.08
CA ALA C 138 -0.35 -25.39 5.11
C ALA C 138 -1.51 -25.43 4.10
N VAL C 139 -2.01 -24.26 3.74
CA VAL C 139 -3.11 -24.13 2.79
C VAL C 139 -4.29 -25.01 3.19
N GLY C 140 -4.42 -25.28 4.50
CA GLY C 140 -5.52 -26.11 4.98
C GLY C 140 -6.29 -25.55 6.17
N PHE C 141 -6.87 -26.47 6.93
CA PHE C 141 -7.65 -26.11 8.10
C PHE C 141 -7.79 -27.28 9.06
N SER C 142 -8.24 -26.97 10.27
CA SER C 142 -8.46 -27.97 11.31
C SER C 142 -9.77 -27.63 12.02
N ILE C 143 -10.49 -28.65 12.46
CA ILE C 143 -11.73 -28.41 13.15
C ILE C 143 -11.71 -28.99 14.56
N TYR C 144 -11.70 -28.11 15.56
CA TYR C 144 -11.72 -28.55 16.94
C TYR C 144 -13.16 -28.44 17.42
N SER C 145 -13.48 -29.19 18.47
CA SER C 145 -14.81 -29.18 19.05
C SER C 145 -14.72 -28.68 20.50
N VAL C 146 -15.71 -27.90 20.90
CA VAL C 146 -15.74 -27.37 22.25
C VAL C 146 -17.07 -27.62 22.95
N SER C 147 -17.01 -27.88 24.26
CA SER C 147 -18.21 -28.08 25.06
C SER C 147 -17.98 -27.64 26.52
N GLN C 148 -18.92 -26.84 27.01
CA GLN C 148 -18.84 -26.35 28.38
C GLN C 148 -19.31 -27.44 29.35
N MET C 149 -18.40 -27.88 30.21
CA MET C 149 -18.71 -28.90 31.18
C MET C 149 -19.81 -28.48 32.13
N PRO C 150 -20.65 -29.44 32.55
CA PRO C 150 -21.71 -29.05 33.47
C PRO C 150 -21.21 -29.28 34.88
N ASN C 151 -22.07 -29.10 35.78
N ARG D 1 12.96 -8.91 44.11
CA ARG D 1 11.91 -9.62 43.33
C ARG D 1 11.17 -8.68 42.34
N ASP D 2 11.52 -8.77 41.06
CA ASP D 2 10.90 -7.91 40.03
C ASP D 2 9.79 -8.60 39.25
N LEU D 3 8.95 -7.78 38.62
CA LEU D 3 7.82 -8.24 37.81
C LEU D 3 8.38 -8.89 36.53
N VAL D 4 8.05 -10.16 36.33
CA VAL D 4 8.56 -10.93 35.19
C VAL D 4 7.54 -11.85 34.51
N ILE D 5 7.72 -12.05 33.21
CA ILE D 5 6.88 -12.94 32.40
C ILE D 5 7.80 -13.67 31.41
N GLN D 6 7.56 -14.96 31.19
CA GLN D 6 8.42 -15.71 30.29
C GLN D 6 7.74 -16.84 29.57
N ASN D 7 8.52 -17.52 28.73
CA ASN D 7 8.07 -18.71 28.00
C ASN D 7 9.38 -19.31 27.50
N GLU D 8 9.31 -20.35 26.69
CA GLU D 8 10.52 -21.02 26.19
C GLU D 8 11.64 -20.15 25.62
N TYR D 9 11.31 -19.22 24.74
CA TYR D 9 12.34 -18.42 24.08
C TYR D 9 12.71 -17.04 24.60
N LEU D 10 11.79 -16.38 25.29
CA LEU D 10 12.04 -15.03 25.81
C LEU D 10 11.63 -14.79 27.26
N ARG D 11 12.24 -13.77 27.87
CA ARG D 11 11.97 -13.36 29.24
C ARG D 11 11.99 -11.83 29.35
N ALA D 12 10.84 -11.25 29.73
CA ALA D 12 10.71 -9.80 29.88
C ALA D 12 10.66 -9.31 31.34
N ARG D 13 11.34 -8.21 31.61
CA ARG D 13 11.36 -7.65 32.95
C ARG D 13 10.69 -6.29 32.97
N PHE D 14 10.12 -5.94 34.11
CA PHE D 14 9.48 -4.65 34.25
C PHE D 14 10.14 -3.87 35.37
N ASP D 15 10.29 -2.56 35.18
CA ASP D 15 10.93 -1.75 36.19
C ASP D 15 10.03 -1.57 37.39
N PRO D 16 10.50 -2.06 38.55
CA PRO D 16 9.79 -2.01 39.83
C PRO D 16 9.19 -0.66 40.15
N ASN D 17 9.91 0.43 39.89
CA ASN D 17 9.39 1.76 40.22
C ASN D 17 8.43 2.35 39.23
N THR D 18 8.34 1.76 38.06
CA THR D 18 7.50 2.36 37.01
C THR D 18 6.43 1.52 36.34
N GLY D 19 6.64 0.21 36.24
CA GLY D 19 5.65 -0.63 35.60
C GLY D 19 5.92 -0.69 34.11
N LEU D 20 7.03 -0.11 33.68
CA LEU D 20 7.43 -0.08 32.28
C LEU D 20 8.41 -1.19 31.97
N LEU D 21 8.37 -1.67 30.73
CA LEU D 21 9.27 -2.73 30.29
C LEU D 21 10.70 -2.23 30.49
N MET D 22 11.48 -3.02 31.20
CA MET D 22 12.85 -2.65 31.51
C MET D 22 13.90 -3.51 30.85
N GLU D 23 13.63 -4.81 30.76
CA GLU D 23 14.61 -5.71 30.18
C GLU D 23 13.99 -6.90 29.46
N LEU D 24 14.54 -7.21 28.29
CA LEU D 24 14.09 -8.30 27.45
C LEU D 24 15.30 -9.22 27.22
N GLU D 25 15.06 -10.53 27.16
CA GLU D 25 16.18 -11.48 27.01
C GLU D 25 15.86 -12.83 26.38
N ASN D 26 16.87 -13.39 25.69
CA ASN D 26 16.80 -14.71 25.02
C ASN D 26 17.35 -15.80 25.92
N LEU D 27 16.50 -16.75 26.27
CA LEU D 27 16.87 -17.86 27.15
C LEU D 27 17.70 -18.96 26.47
N LEU D 31 21.22 -13.57 24.79
CA LEU D 31 21.21 -12.15 24.46
C LEU D 31 20.26 -11.43 25.42
N LEU D 32 20.84 -10.61 26.30
CA LEU D 32 20.07 -9.84 27.28
C LEU D 32 20.03 -8.41 26.78
N LEU D 33 18.88 -7.75 26.83
CA LEU D 33 18.86 -6.38 26.33
C LEU D 33 18.01 -5.37 27.07
N PRO D 34 18.67 -4.44 27.76
CA PRO D 34 18.05 -3.36 28.52
C PRO D 34 17.33 -2.44 27.57
N VAL D 35 16.01 -2.59 27.49
CA VAL D 35 15.17 -1.79 26.59
C VAL D 35 14.04 -1.15 27.38
N ARG D 36 13.77 0.14 27.13
CA ARG D 36 12.67 0.76 27.83
C ARG D 36 11.62 1.18 26.82
N GLN D 37 10.35 0.99 27.17
CA GLN D 37 9.26 1.36 26.27
C GLN D 37 8.25 2.20 27.00
N ALA D 38 7.67 3.17 26.30
CA ALA D 38 6.68 4.03 26.91
C ALA D 38 5.99 4.85 25.84
N PHE D 39 4.83 5.40 26.16
CA PHE D 39 4.07 6.23 25.21
C PHE D 39 4.30 7.73 25.46
N TYR D 40 4.68 8.46 24.41
CA TYR D 40 4.90 9.89 24.50
C TYR D 40 4.02 10.58 23.46
N TRP D 41 3.77 11.87 23.63
CA TRP D 41 2.97 12.56 22.64
C TRP D 41 3.63 13.84 22.16
N TYR D 42 3.33 14.23 20.92
CA TYR D 42 3.88 15.44 20.31
C TYR D 42 2.82 16.52 20.25
N ASN D 43 3.16 17.69 20.79
CA ASN D 43 2.26 18.82 20.83
C ASN D 43 2.14 19.35 19.40
N ALA D 44 1.07 18.98 18.71
CA ALA D 44 0.87 19.41 17.32
C ALA D 44 0.96 20.91 17.13
N SER D 45 1.54 21.30 16.00
CA SER D 45 1.73 22.71 15.65
C SER D 45 0.63 23.33 14.80
N THR D 46 0.27 24.56 15.17
CA THR D 46 -0.75 25.31 14.45
C THR D 46 -0.08 26.49 13.73
N GLY D 47 1.26 26.52 13.80
CA GLY D 47 2.02 27.57 13.14
C GLY D 47 2.67 28.55 14.10
N ASN D 48 3.70 29.25 13.62
CA ASN D 48 4.42 30.26 14.40
C ASN D 48 5.11 31.23 13.42
N ASN D 49 5.81 32.24 13.92
CA ASN D 49 6.47 33.22 13.03
C ASN D 49 7.39 32.63 11.95
N LEU D 50 7.82 31.39 12.15
CA LEU D 50 8.70 30.71 11.21
C LEU D 50 7.95 30.25 9.97
N SER D 51 6.65 30.03 10.10
CA SER D 51 5.83 29.58 8.97
C SER D 51 4.41 29.28 9.39
N SER D 52 3.48 29.76 8.58
CA SER D 52 2.06 29.59 8.80
C SER D 52 1.65 28.13 8.94
N GLN D 53 2.43 27.24 8.33
CA GLN D 53 2.14 25.79 8.33
C GLN D 53 1.72 25.18 9.68
N ALA D 54 0.80 24.22 9.60
CA ALA D 54 0.30 23.52 10.77
C ALA D 54 0.13 22.03 10.49
N SER D 55 0.32 21.22 11.53
CA SER D 55 0.16 19.77 11.40
C SER D 55 -1.24 19.47 10.91
N GLY D 56 -1.43 18.32 10.26
CA GLY D 56 -2.76 18.01 9.77
C GLY D 56 -2.83 16.64 9.12
N ALA D 57 -3.93 16.39 8.43
CA ALA D 57 -4.12 15.11 7.76
C ALA D 57 -2.87 14.67 6.98
N TYR D 58 -2.19 15.60 6.31
CA TYR D 58 -1.00 15.24 5.54
C TYR D 58 0.32 15.47 6.27
N ILE D 59 0.48 16.73 6.67
CA ILE D 59 1.66 17.25 7.33
C ILE D 59 1.86 16.99 8.81
N PHE D 60 3.09 16.65 9.18
CA PHE D 60 3.43 16.40 10.57
C PHE D 60 4.41 17.49 10.99
N ARG D 61 3.95 18.40 11.84
CA ARG D 61 4.79 19.45 12.33
C ARG D 61 4.64 19.72 13.83
N PRO D 62 5.60 19.26 14.62
CA PRO D 62 5.58 19.46 16.08
C PRO D 62 6.04 20.87 16.39
N ASN D 63 5.38 21.54 17.34
CA ASN D 63 5.80 22.88 17.71
C ASN D 63 6.84 22.73 18.81
N GLN D 64 7.24 21.48 19.06
CA GLN D 64 8.26 21.13 20.07
C GLN D 64 8.91 19.81 19.63
N ASN D 65 10.23 19.76 19.59
CA ASN D 65 10.90 18.55 19.14
C ASN D 65 10.96 17.45 20.17
N LYS D 66 10.69 17.79 21.43
CA LYS D 66 10.74 16.80 22.51
C LYS D 66 9.33 16.38 22.97
N PRO D 67 8.97 15.11 22.74
CA PRO D 67 7.65 14.58 23.13
C PRO D 67 7.51 14.52 24.63
N LEU D 68 6.26 14.49 25.10
CA LEU D 68 5.96 14.42 26.52
C LEU D 68 5.46 13.04 26.88
N PHE D 69 5.79 12.58 28.09
CA PHE D 69 5.33 11.27 28.53
C PHE D 69 3.83 11.29 28.72
N VAL D 70 3.14 10.29 28.17
CA VAL D 70 1.70 10.23 28.37
C VAL D 70 1.56 9.95 29.86
N SER D 71 2.65 9.44 30.44
CA SER D 71 2.72 9.13 31.87
C SER D 71 4.09 8.53 32.14
N HIS D 72 4.66 8.88 33.31
CA HIS D 72 5.97 8.39 33.68
C HIS D 72 5.99 7.00 34.27
N TRP D 73 4.81 6.44 34.50
CA TRP D 73 4.71 5.09 35.05
C TRP D 73 3.37 4.46 34.65
N ALA D 74 3.29 3.14 34.78
CA ALA D 74 2.08 2.41 34.42
C ALA D 74 1.70 1.46 35.52
N GLN D 75 0.40 1.38 35.78
CA GLN D 75 -0.16 0.50 36.79
C GLN D 75 -0.28 -0.89 36.16
N THR D 76 0.52 -1.83 36.67
CA THR D 76 0.56 -3.19 36.16
C THR D 76 -0.35 -4.13 36.91
N HIS D 77 -0.82 -5.13 36.19
CA HIS D 77 -1.70 -6.15 36.75
C HIS D 77 -1.24 -7.47 36.14
N LEU D 78 -0.59 -8.30 36.94
CA LEU D 78 -0.11 -9.58 36.44
C LEU D 78 -1.19 -10.63 36.24
N VAL D 79 -1.14 -11.28 35.09
CA VAL D 79 -2.05 -12.36 34.74
C VAL D 79 -1.18 -13.50 34.20
N LYS D 80 -0.94 -14.51 35.03
CA LYS D 80 -0.15 -15.66 34.61
C LYS D 80 -1.07 -16.89 34.47
N ALA D 81 -1.37 -17.25 33.23
CA ALA D 81 -2.24 -18.38 32.94
C ALA D 81 -1.45 -19.55 32.38
N SER D 82 -2.10 -20.71 32.29
CA SER D 82 -1.47 -21.93 31.78
C SER D 82 -1.01 -21.78 30.35
N LEU D 83 -1.72 -20.96 29.58
CA LEU D 83 -1.42 -20.75 28.17
C LEU D 83 -0.91 -19.38 27.79
N VAL D 84 -0.91 -18.42 28.71
CA VAL D 84 -0.42 -17.08 28.40
C VAL D 84 0.22 -16.43 29.60
N GLN D 85 1.01 -15.40 29.35
CA GLN D 85 1.65 -14.66 30.41
C GLN D 85 1.66 -13.23 29.92
N GLU D 86 0.80 -12.43 30.52
CA GLU D 86 0.65 -11.04 30.13
C GLU D 86 0.70 -10.03 31.29
N VAL D 87 1.34 -8.89 31.03
CA VAL D 87 1.40 -7.82 32.02
C VAL D 87 0.54 -6.69 31.49
N HIS D 88 -0.59 -6.44 32.15
CA HIS D 88 -1.47 -5.37 31.73
C HIS D 88 -0.88 -4.09 32.29
N GLN D 89 -0.91 -3.03 31.50
CA GLN D 89 -0.35 -1.75 31.94
C GLN D 89 -1.36 -0.65 31.76
N ASN D 90 -1.52 0.16 32.79
CA ASN D 90 -2.44 1.27 32.69
C ASN D 90 -1.70 2.59 32.82
N PHE D 91 -1.48 3.27 31.70
CA PHE D 91 -0.78 4.54 31.70
C PHE D 91 -1.75 5.69 31.90
N SER D 92 -2.94 5.54 31.33
CA SER D 92 -3.91 6.60 31.42
C SER D 92 -5.31 6.19 30.94
N ALA D 93 -6.28 7.07 31.16
CA ALA D 93 -7.65 6.79 30.77
C ALA D 93 -7.76 6.59 29.25
N TRP D 94 -6.85 7.20 28.51
CA TRP D 94 -6.88 7.06 27.07
C TRP D 94 -5.64 6.37 26.56
N CYS D 95 -4.95 5.65 27.45
CA CYS D 95 -3.76 4.91 27.06
C CYS D 95 -3.50 3.74 28.00
N SER D 96 -3.32 2.56 27.42
CA SER D 96 -3.06 1.36 28.19
C SER D 96 -2.50 0.31 27.24
N GLN D 97 -1.83 -0.69 27.79
CA GLN D 97 -1.26 -1.73 26.95
C GLN D 97 -1.18 -3.06 27.67
N VAL D 98 -1.12 -4.14 26.89
CA VAL D 98 -0.99 -5.48 27.42
C VAL D 98 0.25 -6.06 26.82
N VAL D 99 1.17 -6.53 27.66
CA VAL D 99 2.39 -7.12 27.16
C VAL D 99 2.26 -8.62 27.31
N ARG D 100 2.36 -9.35 26.20
CA ARG D 100 2.20 -10.80 26.23
C ARG D 100 3.32 -11.69 25.73
N LEU D 101 3.30 -12.93 26.21
CA LEU D 101 4.23 -13.96 25.78
C LEU D 101 3.39 -15.23 25.72
N TYR D 102 3.18 -15.76 24.52
CA TYR D 102 2.42 -16.98 24.30
C TYR D 102 3.36 -18.18 24.14
N PRO D 103 2.80 -19.40 24.21
CA PRO D 103 3.51 -20.67 24.06
C PRO D 103 4.35 -20.83 22.80
N ARG D 104 5.65 -20.91 23.01
CA ARG D 104 6.58 -21.13 21.94
C ARG D 104 6.62 -20.02 20.90
N GLN D 105 6.27 -18.79 21.25
CA GLN D 105 6.37 -17.77 20.22
C GLN D 105 7.64 -16.96 20.44
N ARG D 106 8.42 -16.79 19.36
CA ARG D 106 9.69 -16.08 19.37
C ARG D 106 9.65 -14.59 19.68
N HIS D 107 8.47 -13.98 19.65
CA HIS D 107 8.35 -12.56 19.92
C HIS D 107 7.52 -12.19 21.15
N LEU D 108 7.61 -10.92 21.55
CA LEU D 108 6.89 -10.38 22.68
C LEU D 108 5.79 -9.54 22.07
N GLU D 109 4.55 -9.80 22.48
CA GLU D 109 3.42 -9.06 21.93
C GLU D 109 3.05 -7.80 22.74
N LEU D 110 2.99 -6.67 22.08
CA LEU D 110 2.61 -5.43 22.76
C LEU D 110 1.37 -4.91 22.11
N GLU D 111 0.24 -5.13 22.78
CA GLU D 111 -1.05 -4.70 22.29
C GLU D 111 -1.39 -3.36 22.95
N TRP D 112 -1.29 -2.29 22.17
CA TRP D 112 -1.57 -0.95 22.68
C TRP D 112 -2.99 -0.46 22.35
N THR D 113 -3.60 0.29 23.26
CA THR D 113 -4.92 0.84 23.01
C THR D 113 -4.86 2.31 23.34
N VAL D 114 -4.84 3.14 22.29
CA VAL D 114 -4.78 4.59 22.44
C VAL D 114 -6.18 5.09 22.26
N GLY D 115 -6.88 5.17 23.38
CA GLY D 115 -8.27 5.59 23.41
C GLY D 115 -8.47 6.96 22.84
N PRO D 116 -9.65 7.57 23.03
CA PRO D 116 -9.97 8.92 22.53
C PRO D 116 -8.99 9.95 23.03
N ILE D 117 -8.12 10.43 22.15
CA ILE D 117 -7.14 11.42 22.57
C ILE D 117 -7.81 12.74 23.01
N PRO D 118 -7.59 13.15 24.28
CA PRO D 118 -8.14 14.39 24.85
C PRO D 118 -7.69 15.62 24.10
N VAL D 119 -8.58 16.25 23.35
CA VAL D 119 -8.18 17.46 22.65
C VAL D 119 -8.83 18.63 23.35
N GLY D 120 -9.45 18.34 24.49
CA GLY D 120 -10.09 19.39 25.27
C GLY D 120 -9.11 20.46 25.73
N ASP D 121 -7.82 20.15 25.74
CA ASP D 121 -6.85 21.16 26.16
C ASP D 121 -6.64 22.15 25.01
N GLY D 122 -7.28 21.88 23.87
CA GLY D 122 -7.14 22.76 22.72
C GLY D 122 -5.81 22.56 22.01
N TRP D 123 -5.12 21.46 22.29
CA TRP D 123 -3.84 21.18 21.67
C TRP D 123 -3.88 19.87 20.88
N GLY D 124 -3.59 19.93 19.59
CA GLY D 124 -3.59 18.73 18.78
C GLY D 124 -2.43 17.84 19.22
N LYS D 125 -2.63 16.53 19.26
CA LYS D 125 -1.57 15.60 19.70
C LYS D 125 -1.31 14.42 18.78
N GLU D 126 -0.05 14.02 18.72
CA GLU D 126 0.40 12.91 17.89
C GLU D 126 1.19 11.94 18.75
N VAL D 127 0.56 10.81 19.07
CA VAL D 127 1.14 9.81 19.94
C VAL D 127 2.13 8.83 19.33
N ILE D 128 3.12 8.43 20.13
CA ILE D 128 4.14 7.51 19.67
C ILE D 128 4.56 6.56 20.78
N SER D 129 4.97 5.35 20.39
CA SER D 129 5.50 4.36 21.31
C SER D 129 6.99 4.44 20.98
N ARG D 130 7.83 4.75 21.96
CA ARG D 130 9.26 4.87 21.74
C ARG D 130 10.08 3.91 22.57
N PHE D 131 10.93 3.11 21.92
CA PHE D 131 11.76 2.17 22.65
C PHE D 131 13.14 2.80 22.78
N ASP D 132 13.72 2.75 23.96
CA ASP D 132 15.03 3.32 24.17
C ASP D 132 16.04 2.28 24.61
N THR D 133 17.24 2.33 24.01
CA THR D 133 18.33 1.40 24.31
C THR D 133 19.68 2.07 24.22
N ALA D 134 20.71 1.31 24.61
CA ALA D 134 22.09 1.79 24.63
C ALA D 134 22.90 1.29 23.43
N LEU D 135 22.34 0.33 22.70
CA LEU D 135 23.06 -0.21 21.56
C LEU D 135 23.33 0.88 20.53
N ALA D 136 24.62 1.15 20.36
CA ALA D 136 25.14 2.17 19.45
C ALA D 136 24.79 1.93 17.99
N THR D 137 23.87 2.74 17.45
CA THR D 137 23.40 2.62 16.07
C THR D 137 23.93 3.64 15.07
N ARG D 138 24.72 4.60 15.54
CA ARG D 138 25.31 5.63 14.68
C ARG D 138 24.34 6.36 13.73
N GLY D 139 23.14 6.66 14.21
CA GLY D 139 22.17 7.39 13.39
C GLY D 139 21.48 6.58 12.30
N LEU D 140 21.83 5.31 12.18
CA LEU D 140 21.25 4.47 11.17
C LEU D 140 20.13 3.58 11.70
N PHE D 141 19.17 3.27 10.83
CA PHE D 141 18.08 2.38 11.18
C PHE D 141 17.40 1.86 9.90
N TYR D 142 16.65 0.79 10.03
CA TYR D 142 16.05 0.18 8.86
C TYR D 142 14.53 0.13 8.82
N THR D 143 14.01 0.29 7.61
CA THR D 143 12.58 0.28 7.36
C THR D 143 12.28 -0.57 6.13
N ASP D 144 11.10 -1.17 6.11
CA ASP D 144 10.71 -1.99 4.98
C ASP D 144 9.92 -1.14 3.99
N SER D 145 10.17 -1.36 2.70
CA SER D 145 9.44 -0.62 1.68
C SER D 145 8.26 -1.47 1.25
N ASN D 146 7.06 -1.04 1.64
CA ASN D 146 5.86 -1.80 1.29
C ASN D 146 5.97 -3.28 1.60
N GLY D 147 6.73 -3.60 2.64
CA GLY D 147 6.88 -4.99 3.09
C GLY D 147 7.80 -5.90 2.31
N ARG D 148 8.76 -5.35 1.55
CA ARG D 148 9.66 -6.20 0.76
C ARG D 148 11.12 -6.02 1.11
N GLU D 149 11.85 -5.32 0.25
CA GLU D 149 13.25 -5.08 0.52
C GLU D 149 13.37 -4.01 1.60
N ILE D 150 14.49 -3.99 2.33
CA ILE D 150 14.68 -3.03 3.41
C ILE D 150 15.71 -1.95 3.04
N LEU D 151 15.34 -0.68 3.25
CA LEU D 151 16.20 0.45 2.93
C LEU D 151 16.83 1.05 4.19
N GLU D 152 18.13 1.34 4.11
CA GLU D 152 18.85 1.93 5.24
C GLU D 152 18.53 3.41 5.37
N ARG D 153 18.30 3.85 6.61
CA ARG D 153 17.98 5.25 6.83
C ARG D 153 18.91 5.93 7.81
N ARG D 154 19.23 7.18 7.52
CA ARG D 154 20.15 7.92 8.36
C ARG D 154 19.53 9.21 8.82
N ARG D 155 19.71 9.51 10.10
CA ARG D 155 19.17 10.73 10.67
C ARG D 155 19.75 11.95 9.94
N ASN D 156 18.88 12.86 9.52
CA ASN D 156 19.28 14.08 8.82
C ASN D 156 20.24 13.85 7.67
N TYR D 157 20.02 12.82 6.87
CA TYR D 157 20.92 12.56 5.77
C TYR D 157 20.20 12.19 4.48
N ARG D 158 20.77 12.57 3.34
CA ARG D 158 20.15 12.23 2.08
C ARG D 158 21.16 11.64 1.12
N PRO D 159 20.92 10.40 0.68
CA PRO D 159 21.82 9.71 -0.26
C PRO D 159 21.99 10.51 -1.54
N THR D 160 20.90 11.09 -1.99
CA THR D 160 20.85 11.85 -3.23
C THR D 160 21.35 13.30 -3.27
N TRP D 161 21.29 14.04 -2.15
CA TRP D 161 21.82 15.41 -2.19
C TRP D 161 22.31 15.87 -0.82
N LYS D 162 22.68 17.14 -0.70
CA LYS D 162 23.16 17.61 0.60
C LYS D 162 22.03 18.33 1.28
N LEU D 163 21.29 17.59 2.11
CA LEU D 163 20.13 18.11 2.84
C LEU D 163 20.28 19.20 3.92
N ASN D 164 19.45 20.24 3.81
CA ASN D 164 19.42 21.27 4.84
C ASN D 164 18.14 20.93 5.61
N GLN D 165 18.30 20.36 6.80
CA GLN D 165 17.17 19.95 7.59
C GLN D 165 16.39 21.16 8.12
N THR D 166 15.07 21.17 7.93
CA THR D 166 14.24 22.26 8.43
C THR D 166 13.39 21.84 9.62
N GLU D 167 13.19 20.53 9.76
CA GLU D 167 12.42 19.98 10.88
C GLU D 167 13.20 18.77 11.36
N PRO D 168 13.85 18.85 12.54
CA PRO D 168 14.62 17.70 13.01
C PRO D 168 13.84 16.41 13.28
N VAL D 169 12.61 16.55 13.76
CA VAL D 169 11.79 15.39 14.03
C VAL D 169 11.05 14.95 12.78
N ALA D 170 10.32 15.89 12.19
CA ALA D 170 9.52 15.62 10.98
C ALA D 170 10.31 15.07 9.78
N GLY D 171 11.41 15.74 9.44
CA GLY D 171 12.23 15.32 8.31
C GLY D 171 13.01 14.04 8.54
N ASN D 172 12.73 13.34 9.64
CA ASN D 172 13.41 12.09 9.90
C ASN D 172 12.42 10.97 10.05
N TYR D 173 11.17 11.16 9.61
CA TYR D 173 10.15 10.12 9.73
C TYR D 173 9.96 9.39 8.39
N TYR D 174 9.93 8.06 8.40
CA TYR D 174 9.75 7.32 7.17
C TYR D 174 8.62 6.30 7.29
N PRO D 175 8.01 5.93 6.15
CA PRO D 175 6.94 4.95 6.26
C PRO D 175 7.40 3.55 6.60
N VAL D 176 6.76 2.96 7.59
CA VAL D 176 7.07 1.59 8.00
C VAL D 176 5.77 0.82 7.87
N ASN D 177 5.72 -0.07 6.87
CA ASN D 177 4.53 -0.85 6.61
C ASN D 177 4.47 -2.20 7.30
N SER D 178 5.61 -2.73 7.71
CA SER D 178 5.62 -4.05 8.36
C SER D 178 6.61 -4.09 9.48
N ARG D 179 7.76 -3.47 9.27
CA ARG D 179 8.82 -3.51 10.25
C ARG D 179 9.77 -2.34 10.25
N ILE D 180 10.65 -2.35 11.25
CA ILE D 180 11.67 -1.34 11.44
C ILE D 180 12.64 -1.97 12.44
N TYR D 181 13.93 -1.61 12.36
CA TYR D 181 14.89 -2.15 13.31
C TYR D 181 16.15 -1.30 13.44
N ILE D 182 16.87 -1.51 14.55
CA ILE D 182 18.10 -0.78 14.83
C ILE D 182 19.13 -1.74 15.40
N THR D 183 20.29 -1.84 14.78
CA THR D 183 21.31 -2.76 15.27
C THR D 183 22.65 -2.09 15.42
N ASP D 184 23.36 -2.44 16.50
CA ASP D 184 24.69 -1.90 16.76
C ASP D 184 25.70 -2.74 15.99
N GLY D 185 25.20 -3.51 15.02
CA GLY D 185 26.07 -4.37 14.26
C GLY D 185 26.26 -5.68 14.98
N ASN D 186 25.91 -5.73 16.25
CA ASN D 186 26.05 -6.96 17.00
C ASN D 186 24.69 -7.59 17.38
N MET D 187 23.82 -6.84 18.07
CA MET D 187 22.51 -7.38 18.39
C MET D 187 21.41 -6.50 17.79
N GLN D 188 20.33 -7.12 17.36
CA GLN D 188 19.24 -6.40 16.71
C GLN D 188 17.89 -6.47 17.43
N LEU D 189 17.21 -5.34 17.45
CA LEU D 189 15.90 -5.20 18.05
C LEU D 189 14.99 -4.81 16.92
N THR D 190 14.01 -5.64 16.60
CA THR D 190 13.12 -5.31 15.49
C THR D 190 11.67 -5.26 15.95
N VAL D 191 10.89 -4.36 15.34
CA VAL D 191 9.48 -4.21 15.68
C VAL D 191 8.54 -4.42 14.48
N LEU D 192 7.64 -5.38 14.60
CA LEU D 192 6.69 -5.66 13.53
C LEU D 192 5.37 -4.94 13.83
N THR D 193 4.68 -4.49 12.79
CA THR D 193 3.41 -3.79 12.98
C THR D 193 2.24 -4.54 12.35
N ASP D 194 1.02 -4.17 12.74
CA ASP D 194 -0.17 -4.80 12.20
C ASP D 194 -0.81 -3.94 11.12
N ARG D 195 -0.26 -2.75 10.93
CA ARG D 195 -0.76 -1.80 9.94
C ARG D 195 0.39 -0.84 9.64
N SER D 196 0.28 -0.09 8.55
CA SER D 196 1.36 0.84 8.22
C SER D 196 1.38 2.00 9.20
N GLN D 197 2.58 2.40 9.64
CA GLN D 197 2.72 3.52 10.58
C GLN D 197 3.92 4.39 10.21
N GLY D 198 4.13 5.47 10.95
CA GLY D 198 5.27 6.33 10.71
C GLY D 198 6.31 5.98 11.75
N GLY D 199 7.58 6.28 11.50
CA GLY D 199 8.61 5.98 12.48
C GLY D 199 10.00 6.48 12.12
N SER D 200 10.92 6.39 13.09
CA SER D 200 12.31 6.81 12.89
C SER D 200 13.14 6.66 14.17
N SER D 201 14.46 6.79 14.04
CA SER D 201 15.39 6.71 15.16
C SER D 201 15.86 8.13 15.42
N LEU D 202 15.19 8.83 16.33
CA LEU D 202 15.53 10.21 16.63
C LEU D 202 16.79 10.36 17.46
N ARG D 203 16.95 9.57 18.51
CA ARG D 203 18.20 9.65 19.23
C ARG D 203 18.77 8.26 19.06
N ASP D 204 20.06 8.10 19.21
CA ASP D 204 20.62 6.78 18.98
C ASP D 204 20.18 5.76 20.02
N GLY D 205 20.21 4.49 19.63
CA GLY D 205 19.80 3.45 20.55
C GLY D 205 18.30 3.53 20.78
N SER D 206 17.61 4.42 20.09
CA SER D 206 16.17 4.52 20.30
C SER D 206 15.42 4.23 19.03
N LEU D 207 14.09 4.12 19.15
CA LEU D 207 13.21 3.79 18.03
C LEU D 207 11.81 4.32 18.36
N GLU D 208 10.94 4.41 17.37
CA GLU D 208 9.58 4.90 17.62
C GLU D 208 8.65 4.82 16.41
N LEU D 209 7.42 4.42 16.69
CA LEU D 209 6.38 4.30 15.69
C LEU D 209 5.22 5.19 16.12
N MET D 210 4.42 5.65 15.17
CA MET D 210 3.31 6.52 15.51
C MET D 210 2.00 5.76 15.56
N VAL D 211 1.48 5.62 16.77
CA VAL D 211 0.23 4.91 17.01
C VAL D 211 -1.03 5.64 16.53
N HIS D 212 -1.18 6.90 16.93
CA HIS D 212 -2.36 7.66 16.56
C HIS D 212 -2.12 9.16 16.65
N ARG D 213 -2.94 9.94 15.95
CA ARG D 213 -2.79 11.40 15.97
C ARG D 213 -4.13 12.09 15.80
N ARG D 214 -4.29 13.23 16.46
CA ARG D 214 -5.54 13.98 16.39
C ARG D 214 -5.22 15.46 16.37
N LEU D 215 -5.45 16.08 15.22
CA LEU D 215 -5.18 17.49 15.02
C LEU D 215 -6.50 18.23 14.85
N LEU D 216 -6.53 19.48 15.27
CA LEU D 216 -7.76 20.27 15.19
C LEU D 216 -7.63 21.39 14.18
N LYS D 217 -6.64 21.30 13.30
CA LYS D 217 -6.44 22.35 12.29
C LYS D 217 -5.95 21.81 10.96
N ASP D 218 -6.68 22.12 9.90
CA ASP D 218 -6.32 21.68 8.55
C ASP D 218 -4.90 22.15 8.21
N ASP D 219 -4.23 21.42 7.33
CA ASP D 219 -2.86 21.73 6.93
C ASP D 219 -2.72 22.32 5.52
N ALA D 220 -3.76 23.00 5.07
CA ALA D 220 -3.80 23.65 3.76
C ALA D 220 -3.18 22.90 2.58
N ARG D 221 -3.75 21.76 2.23
CA ARG D 221 -3.27 20.98 1.11
C ARG D 221 -4.42 20.44 0.30
N GLY D 222 -5.65 20.75 0.74
CA GLY D 222 -6.81 20.32 -0.01
C GLY D 222 -8.03 19.76 0.69
N VAL D 223 -7.81 18.86 1.66
CA VAL D 223 -8.91 18.22 2.38
C VAL D 223 -9.91 19.24 2.93
N GLY D 224 -9.39 20.29 3.55
CA GLY D 224 -10.28 21.31 4.10
C GLY D 224 -10.98 20.89 5.37
N GLU D 225 -10.34 20.03 6.16
CA GLU D 225 -10.91 19.63 7.43
C GLU D 225 -9.87 18.93 8.29
N PRO D 226 -9.81 19.32 9.57
CA PRO D 226 -8.88 18.78 10.56
C PRO D 226 -9.12 17.31 10.84
N LEU D 227 -8.04 16.53 10.92
CA LEU D 227 -8.14 15.09 11.20
C LEU D 227 -8.72 15.06 12.61
N ASN D 228 -10.02 15.31 12.63
CA ASN D 228 -10.82 15.43 13.83
C ASN D 228 -12.20 14.75 13.61
N LYS D 229 -12.84 14.40 14.71
CA LYS D 229 -14.17 13.75 14.63
C LYS D 229 -14.17 12.45 13.82
N GLU D 230 -13.22 11.55 14.10
CA GLU D 230 -13.24 10.29 13.37
C GLU D 230 -14.24 9.28 13.90
N GLY D 231 -14.93 9.62 14.99
CA GLY D 231 -15.94 8.72 15.51
C GLY D 231 -15.43 7.40 16.08
N SER D 232 -15.94 6.27 15.61
CA SER D 232 -15.49 4.97 16.12
C SER D 232 -13.97 4.86 16.06
N GLY D 233 -13.36 5.63 15.17
CA GLY D 233 -11.90 5.56 14.99
C GLY D 233 -11.12 6.31 16.04
N LEU D 234 -11.83 7.11 16.84
CA LEU D 234 -11.19 7.89 17.90
C LEU D 234 -10.46 6.93 18.79
N TRP D 235 -11.09 5.77 18.99
CA TRP D 235 -10.59 4.67 19.83
C TRP D 235 -10.04 3.51 18.99
N VAL D 236 -8.73 3.29 19.06
CA VAL D 236 -8.04 2.25 18.27
C VAL D 236 -7.17 1.30 19.10
N ARG D 237 -7.06 0.05 18.64
CA ARG D 237 -6.24 -0.94 19.32
C ARG D 237 -5.40 -1.73 18.31
N GLY D 238 -4.09 -1.80 18.56
CA GLY D 238 -3.21 -2.53 17.66
C GLY D 238 -2.11 -3.28 18.38
N ARG D 239 -1.37 -4.10 17.64
CA ARG D 239 -0.26 -4.89 18.19
C ARG D 239 1.09 -4.53 17.57
N HIS D 240 2.15 -4.78 18.34
CA HIS D 240 3.53 -4.54 17.92
C HIS D 240 4.30 -5.78 18.36
N LEU D 241 4.98 -6.42 17.43
CA LEU D 241 5.72 -7.63 17.74
C LEU D 241 7.19 -7.35 17.84
N VAL D 242 7.70 -7.42 19.06
CA VAL D 242 9.12 -7.18 19.35
C VAL D 242 10.01 -8.41 19.12
N LEU D 243 11.09 -8.24 18.35
CA LEU D 243 12.02 -9.33 18.04
C LEU D 243 13.47 -9.02 18.42
N LEU D 244 14.08 -9.93 19.18
CA LEU D 244 15.46 -9.76 19.61
C LEU D 244 16.32 -10.97 19.25
N ASP D 245 17.39 -10.72 18.49
CA ASP D 245 18.32 -11.76 18.06
C ASP D 245 19.62 -11.12 17.61
N LYS D 246 20.66 -11.91 17.40
CA LYS D 246 21.93 -11.37 16.93
C LYS D 246 21.73 -10.96 15.48
N LYS D 247 22.47 -9.94 15.04
CA LYS D 247 22.36 -9.42 13.67
C LYS D 247 22.37 -10.47 12.58
N GLU D 248 23.24 -11.45 12.72
CA GLU D 248 23.38 -12.51 11.75
C GLU D 248 22.22 -13.51 11.67
N THR D 249 21.37 -13.53 12.68
CA THR D 249 20.22 -14.45 12.71
C THR D 249 18.86 -13.73 12.62
N ALA D 250 18.88 -12.41 12.75
CA ALA D 250 17.65 -11.63 12.73
C ALA D 250 16.78 -11.79 11.47
N ALA D 251 17.40 -11.61 10.32
CA ALA D 251 16.70 -11.67 9.04
C ALA D 251 15.63 -12.75 8.91
N ALA D 252 16.05 -14.00 9.06
CA ALA D 252 15.12 -15.11 8.92
C ALA D 252 13.90 -15.01 9.84
N ARG D 253 14.10 -14.53 11.06
CA ARG D 253 13.00 -14.41 11.99
C ARG D 253 11.99 -13.33 11.61
N HIS D 254 12.43 -12.11 11.29
CA HIS D 254 11.44 -11.10 10.96
C HIS D 254 10.74 -11.37 9.63
N ARG D 255 11.44 -12.03 8.72
CA ARG D 255 10.83 -12.38 7.44
C ARG D 255 9.67 -13.34 7.68
N LEU D 256 9.99 -14.50 8.25
CA LEU D 256 8.99 -15.53 8.51
C LEU D 256 7.83 -15.17 9.41
N GLN D 257 8.06 -14.34 10.43
CA GLN D 257 6.98 -13.98 11.31
C GLN D 257 6.14 -12.87 10.67
N ALA D 258 6.84 -12.02 9.90
CA ALA D 258 6.18 -10.91 9.24
C ALA D 258 5.17 -11.50 8.28
N GLU D 259 5.52 -12.60 7.64
CA GLU D 259 4.56 -13.21 6.73
C GLU D 259 3.43 -13.89 7.50
N MET D 260 3.72 -14.43 8.68
CA MET D 260 2.67 -15.07 9.46
C MET D 260 1.71 -14.02 9.99
N GLU D 261 2.18 -12.78 9.95
CA GLU D 261 1.43 -11.63 10.43
C GLU D 261 0.40 -11.09 9.43
N VAL D 262 0.76 -11.00 8.16
CA VAL D 262 -0.15 -10.52 7.13
C VAL D 262 -1.06 -11.66 6.61
N LEU D 263 -0.50 -12.84 6.41
CA LEU D 263 -1.26 -13.99 5.95
C LEU D 263 -1.55 -14.85 7.17
N ALA D 264 -2.28 -14.27 8.11
CA ALA D 264 -2.61 -14.95 9.35
C ALA D 264 -3.76 -15.95 9.19
N PRO D 265 -4.02 -16.75 10.24
CA PRO D 265 -5.10 -17.72 10.11
C PRO D 265 -6.49 -17.12 10.27
N GLN D 266 -7.47 -17.70 9.59
CA GLN D 266 -8.85 -17.24 9.64
C GLN D 266 -9.69 -18.25 10.45
N VAL D 267 -10.56 -17.73 11.30
CA VAL D 267 -11.40 -18.58 12.11
C VAL D 267 -12.85 -18.42 11.76
N VAL D 268 -13.53 -19.55 11.61
CA VAL D 268 -14.95 -19.60 11.30
C VAL D 268 -15.58 -20.59 12.28
N LEU D 269 -16.75 -20.23 12.80
CA LEU D 269 -17.41 -21.08 13.76
C LEU D 269 -18.66 -21.72 13.24
N ALA D 270 -19.00 -22.83 13.87
CA ALA D 270 -20.18 -23.61 13.52
C ALA D 270 -20.71 -24.24 14.81
N GLN D 271 -22.01 -24.14 15.02
CA GLN D 271 -22.61 -24.72 16.21
C GLN D 271 -22.81 -26.22 15.98
N GLY D 272 -22.39 -27.03 16.95
CA GLY D 272 -22.50 -28.48 16.86
C GLY D 272 -21.56 -29.11 17.87
N GLY D 273 -21.59 -28.66 19.05
N PRO E 1 -17.04 -35.32 9.39
CA PRO E 1 -16.49 -36.33 8.41
C PRO E 1 -15.15 -35.96 7.74
N ARG E 2 -14.64 -34.75 7.98
CA ARG E 2 -13.32 -34.36 7.44
C ARG E 2 -12.78 -33.27 8.37
N THR E 3 -12.14 -33.73 9.44
CA THR E 3 -11.65 -32.81 10.43
C THR E 3 -10.52 -31.92 9.98
N GLN E 4 -9.67 -32.44 9.13
CA GLN E 4 -8.52 -31.66 8.73
C GLN E 4 -8.17 -31.79 7.25
N PHE E 5 -7.87 -30.64 6.63
CA PHE E 5 -7.52 -30.58 5.20
C PHE E 5 -6.15 -29.90 5.04
N SER E 6 -5.68 -29.86 3.79
CA SER E 6 -4.41 -29.26 3.40
C SER E 6 -4.54 -29.20 1.88
N GLY E 7 -3.92 -28.23 1.23
CA GLY E 7 -4.05 -28.19 -0.21
C GLY E 7 -2.80 -28.66 -0.92
N LEU E 8 -1.77 -28.87 -0.12
CA LEU E 8 -0.47 -29.29 -0.64
C LEU E 8 -0.12 -30.72 -0.26
N ARG E 9 0.70 -31.36 -1.09
CA ARG E 9 1.15 -32.71 -0.82
C ARG E 9 2.46 -32.61 -0.08
N ARG E 10 3.23 -31.57 -0.41
CA ARG E 10 4.53 -31.31 0.23
C ARG E 10 4.59 -29.79 0.43
N GLU E 11 4.77 -29.35 1.67
CA GLU E 11 4.80 -27.92 1.93
C GLU E 11 5.97 -27.13 1.37
N LEU E 12 5.74 -25.83 1.17
CA LEU E 12 6.73 -24.91 0.66
C LEU E 12 7.92 -24.78 1.58
N PRO E 13 9.13 -24.72 1.00
CA PRO E 13 10.32 -24.57 1.83
C PRO E 13 10.26 -23.16 2.43
N PRO E 14 10.75 -22.99 3.67
CA PRO E 14 10.74 -21.69 4.36
C PRO E 14 11.02 -20.42 3.54
N SER E 15 11.99 -20.48 2.62
CA SER E 15 12.34 -19.32 1.81
C SER E 15 11.34 -18.91 0.74
N VAL E 16 10.25 -19.66 0.58
CA VAL E 16 9.25 -19.36 -0.42
C VAL E 16 7.95 -18.98 0.22
N ARG E 17 7.13 -18.24 -0.52
CA ARG E 17 5.83 -17.80 -0.06
C ARG E 17 4.75 -17.95 -1.14
N LEU E 18 3.59 -18.49 -0.76
CA LEU E 18 2.50 -18.63 -1.71
C LEU E 18 1.89 -17.26 -1.73
N LEU E 19 2.21 -16.49 -2.76
CA LEU E 19 1.70 -15.14 -2.87
C LEU E 19 0.22 -15.12 -3.25
N THR E 20 -0.15 -15.81 -4.31
CA THR E 20 -1.54 -15.81 -4.71
C THR E 20 -1.99 -17.18 -5.15
N LEU E 21 -3.20 -17.54 -4.74
CA LEU E 21 -3.82 -18.79 -5.14
C LEU E 21 -5.20 -18.24 -5.42
N ALA E 22 -5.66 -18.31 -6.66
CA ALA E 22 -6.96 -17.72 -6.92
C ALA E 22 -7.75 -18.36 -8.03
N ARG E 23 -8.99 -17.92 -8.15
CA ARG E 23 -9.85 -18.42 -9.20
C ARG E 23 -9.81 -17.38 -10.29
N TRP E 24 -9.08 -17.65 -11.35
CA TRP E 24 -9.00 -16.70 -12.46
C TRP E 24 -10.23 -16.89 -13.34
N GLY E 25 -10.73 -18.12 -13.37
CA GLY E 25 -11.90 -18.39 -14.17
C GLY E 25 -12.47 -19.78 -13.93
N PRO E 26 -13.46 -20.20 -14.72
CA PRO E 26 -14.15 -21.50 -14.64
C PRO E 26 -13.21 -22.68 -14.32
N GLU E 27 -12.18 -22.90 -15.14
CA GLU E 27 -11.22 -23.99 -14.91
C GLU E 27 -9.84 -23.40 -15.04
N THR E 28 -9.63 -22.26 -14.39
CA THR E 28 -8.34 -21.57 -14.44
C THR E 28 -7.99 -20.84 -13.15
N LEU E 29 -6.83 -21.19 -12.59
CA LEU E 29 -6.36 -20.56 -11.37
C LEU E 29 -5.20 -19.61 -11.61
N LEU E 30 -5.07 -18.62 -10.73
CA LEU E 30 -3.97 -17.66 -10.81
C LEU E 30 -3.04 -18.00 -9.67
N LEU E 31 -1.77 -18.22 -9.98
CA LEU E 31 -0.80 -18.55 -8.94
C LEU E 31 0.45 -17.70 -8.99
N ARG E 32 0.91 -17.27 -7.83
CA ARG E 32 2.12 -16.49 -7.73
C ARG E 32 2.94 -17.04 -6.60
N LEU E 33 4.24 -17.19 -6.82
CA LEU E 33 5.11 -17.73 -5.80
C LEU E 33 6.34 -16.84 -5.67
N GLU E 34 6.53 -16.22 -4.51
CA GLU E 34 7.66 -15.35 -4.34
C GLU E 34 8.68 -15.91 -3.38
N HIS E 35 9.90 -15.39 -3.48
CA HIS E 35 10.98 -15.83 -2.65
C HIS E 35 11.19 -14.73 -1.59
N GLN E 36 10.48 -14.85 -0.48
CA GLN E 36 10.50 -13.85 0.59
C GLN E 36 11.81 -13.42 1.23
N PHE E 37 12.95 -13.81 0.68
CA PHE E 37 14.23 -13.40 1.27
C PHE E 37 15.05 -12.62 0.26
N ALA E 38 15.66 -11.52 0.71
CA ALA E 38 16.50 -10.68 -0.15
C ALA E 38 17.94 -11.08 0.08
N VAL E 39 18.79 -10.86 -0.92
CA VAL E 39 20.19 -11.22 -0.78
C VAL E 39 20.77 -10.73 0.56
N GLY E 40 21.38 -11.65 1.31
CA GLY E 40 21.98 -11.30 2.59
C GLY E 40 21.23 -11.79 3.82
N GLU E 41 19.94 -12.07 3.69
CA GLU E 41 19.18 -12.50 4.84
C GLU E 41 19.28 -13.99 5.11
N ASP E 42 20.35 -14.62 4.62
CA ASP E 42 20.56 -16.05 4.81
C ASP E 42 20.41 -16.47 6.27
N SER E 43 20.79 -15.55 7.17
CA SER E 43 20.70 -15.78 8.62
C SER E 43 21.35 -17.10 9.03
N GLY E 44 22.40 -17.48 8.34
CA GLY E 44 23.11 -18.72 8.65
C GLY E 44 22.46 -20.03 8.19
N ARG E 45 21.38 -19.97 7.40
CA ARG E 45 20.74 -21.18 6.96
C ARG E 45 20.52 -21.20 5.46
N ASN E 46 21.43 -20.57 4.70
CA ASN E 46 21.29 -20.54 3.25
C ASN E 46 19.81 -20.35 2.91
N LEU E 47 19.17 -19.34 3.51
CA LEU E 47 17.75 -19.09 3.25
C LEU E 47 17.61 -18.14 2.09
N SER E 48 18.72 -17.50 1.73
CA SER E 48 18.75 -16.55 0.63
C SER E 48 19.16 -17.23 -0.69
N SER E 49 19.57 -18.49 -0.62
CA SER E 49 19.98 -19.22 -1.81
C SER E 49 18.75 -19.47 -2.68
N PRO E 50 18.96 -19.69 -3.99
CA PRO E 50 17.87 -19.95 -4.94
C PRO E 50 17.20 -21.27 -4.56
N VAL E 51 15.95 -21.42 -4.99
CA VAL E 51 15.19 -22.62 -4.71
C VAL E 51 14.50 -23.14 -5.97
N THR E 52 14.49 -24.44 -6.13
CA THR E 52 13.86 -25.08 -7.28
C THR E 52 12.66 -25.88 -6.77
N LEU E 53 11.52 -25.75 -7.44
CA LEU E 53 10.31 -26.43 -7.01
C LEU E 53 9.64 -27.22 -8.11
N ASP E 54 8.94 -28.29 -7.70
CA ASP E 54 8.19 -29.08 -8.65
C ASP E 54 6.72 -28.70 -8.48
N LEU E 55 6.01 -28.43 -9.58
CA LEU E 55 4.61 -28.02 -9.50
C LEU E 55 3.62 -29.14 -9.78
N THR E 56 4.14 -30.27 -10.24
CA THR E 56 3.33 -31.43 -10.52
C THR E 56 3.14 -32.11 -9.16
N ASN E 57 1.90 -32.09 -8.67
CA ASN E 57 1.52 -32.66 -7.36
C ASN E 57 1.82 -31.75 -6.15
N LEU E 58 2.37 -30.56 -6.33
CA LEU E 58 2.59 -29.69 -5.16
C LEU E 58 1.21 -29.60 -4.48
N PHE E 59 0.19 -29.48 -5.32
CA PHE E 59 -1.20 -29.37 -4.90
C PHE E 59 -1.95 -30.70 -5.04
N SER E 60 -2.80 -30.97 -4.05
CA SER E 60 -3.60 -32.18 -4.01
C SER E 60 -5.07 -31.88 -4.37
N ALA E 61 -5.60 -30.77 -3.87
CA ALA E 61 -7.00 -30.39 -4.12
C ALA E 61 -7.40 -30.46 -5.58
N PHE E 62 -6.45 -30.17 -6.46
CA PHE E 62 -6.67 -30.18 -7.91
C PHE E 62 -5.38 -30.62 -8.61
N THR E 63 -5.47 -30.81 -9.92
CA THR E 63 -4.31 -31.17 -10.73
C THR E 63 -4.11 -30.15 -11.85
N ILE E 64 -2.85 -29.80 -12.08
CA ILE E 64 -2.49 -28.84 -13.11
C ILE E 64 -2.36 -29.56 -14.44
N THR E 65 -3.10 -29.10 -15.44
CA THR E 65 -3.07 -29.73 -16.75
C THR E 65 -2.28 -28.91 -17.77
N ASN E 66 -2.37 -27.59 -17.68
CA ASN E 66 -1.66 -26.68 -18.56
C ASN E 66 -1.07 -25.56 -17.75
N LEU E 67 0.02 -24.98 -18.23
CA LEU E 67 0.69 -23.91 -17.50
C LEU E 67 1.11 -22.83 -18.47
N ARG E 68 1.16 -21.58 -18.02
CA ARG E 68 1.63 -20.50 -18.90
C ARG E 68 2.16 -19.27 -18.18
N GLU E 69 3.47 -19.03 -18.36
CA GLU E 69 4.25 -17.93 -17.75
C GLU E 69 3.69 -16.55 -17.99
N THR E 70 3.76 -15.70 -16.97
CA THR E 70 3.19 -14.38 -17.10
C THR E 70 3.95 -13.24 -16.39
N THR E 71 3.59 -12.01 -16.75
CA THR E 71 4.18 -10.82 -16.16
C THR E 71 3.44 -10.61 -14.84
N LEU E 72 4.05 -9.91 -13.91
CA LEU E 72 3.43 -9.74 -12.60
C LEU E 72 1.93 -9.45 -12.54
N ALA E 73 1.42 -8.50 -13.33
CA ALA E 73 0.00 -8.17 -13.29
C ALA E 73 -0.85 -9.11 -14.12
N ALA E 74 -0.25 -10.18 -14.60
CA ALA E 74 -0.95 -11.17 -15.38
C ALA E 74 -1.66 -10.64 -16.64
N ASN E 75 -1.11 -9.64 -17.31
CA ASN E 75 -1.78 -9.15 -18.50
C ASN E 75 -1.04 -9.41 -19.81
N GLN E 76 0.13 -10.05 -19.74
CA GLN E 76 0.94 -10.41 -20.91
C GLN E 76 1.56 -11.79 -20.71
N LEU E 77 1.95 -12.45 -21.80
CA LEU E 77 2.61 -13.73 -21.67
C LEU E 77 4.10 -13.42 -21.59
N LEU E 78 4.67 -13.65 -20.40
CA LEU E 78 6.09 -13.38 -20.15
C LEU E 78 7.02 -13.69 -21.32
N ALA E 79 6.78 -14.78 -22.05
CA ALA E 79 7.67 -15.13 -23.16
C ALA E 79 7.48 -14.27 -24.40
N TYR E 80 6.34 -13.59 -24.44
CA TYR E 80 5.97 -12.76 -25.58
C TYR E 80 6.03 -11.28 -25.23
N ALA E 81 6.68 -10.96 -24.11
CA ALA E 81 6.79 -9.59 -23.66
C ALA E 81 8.23 -9.09 -23.71
N SER E 82 8.37 -7.76 -23.74
CA SER E 82 9.68 -7.14 -23.79
C SER E 82 9.57 -5.68 -23.37
N ARG E 83 10.67 -5.14 -22.88
CA ARG E 83 10.72 -3.75 -22.43
C ARG E 83 11.85 -3.01 -23.14
N LEU E 84 11.75 -1.70 -23.26
CA LEU E 84 12.80 -0.92 -23.91
C LEU E 84 14.08 -1.04 -23.08
N GLN E 85 15.24 -0.98 -23.73
CA GLN E 85 16.49 -1.08 -22.97
C GLN E 85 17.02 0.31 -22.61
N TRP E 86 17.87 0.39 -21.59
CA TRP E 86 18.43 1.67 -21.16
C TRP E 86 19.89 1.59 -20.72
N THR E 87 20.74 2.42 -21.32
CA THR E 87 22.15 2.42 -20.98
C THR E 87 22.43 3.29 -19.78
N THR E 88 22.94 2.69 -18.71
CA THR E 88 23.29 3.46 -17.52
C THR E 88 24.81 3.58 -17.51
N ASP E 89 25.32 4.75 -17.15
CA ASP E 89 26.78 4.99 -17.10
C ASP E 89 27.30 4.94 -15.68
N ALA E 104 5.97 -29.41 -13.16
CA ALA E 104 6.98 -28.49 -13.69
C ALA E 104 8.02 -28.18 -12.62
N THR E 105 8.99 -27.35 -12.96
CA THR E 105 10.00 -26.98 -12.01
C THR E 105 10.34 -25.55 -12.21
N ILE E 106 10.03 -24.73 -11.24
CA ILE E 106 10.37 -23.34 -11.38
C ILE E 106 11.39 -23.05 -10.31
N THR E 107 12.46 -22.37 -10.70
CA THR E 107 13.52 -21.98 -9.80
C THR E 107 13.29 -20.52 -9.41
N LEU E 108 13.59 -20.17 -8.15
CA LEU E 108 13.43 -18.79 -7.68
C LEU E 108 14.70 -18.19 -7.08
N GLN E 109 14.98 -16.94 -7.44
CA GLN E 109 16.14 -16.22 -6.93
C GLN E 109 15.61 -15.28 -5.84
N PRO E 110 16.49 -14.79 -4.95
CA PRO E 110 16.04 -13.90 -3.89
C PRO E 110 15.13 -12.80 -4.41
N MET E 111 13.95 -12.68 -3.79
CA MET E 111 12.97 -11.66 -4.15
C MET E 111 12.30 -11.78 -5.53
N GLU E 112 12.43 -12.92 -6.19
CA GLU E 112 11.80 -13.11 -7.49
C GLU E 112 10.35 -13.62 -7.32
N ILE E 113 9.42 -13.01 -8.04
CA ILE E 113 8.01 -13.39 -8.00
C ILE E 113 7.62 -13.88 -9.38
N ARG E 114 7.16 -15.12 -9.47
CA ARG E 114 6.74 -15.62 -10.77
C ARG E 114 5.23 -15.84 -10.79
N THR E 115 4.60 -15.40 -11.88
CA THR E 115 3.15 -15.49 -12.04
C THR E 115 2.72 -16.51 -13.10
N PHE E 116 1.76 -17.35 -12.72
CA PHE E 116 1.26 -18.40 -13.62
C PHE E 116 -0.23 -18.48 -13.74
N LEU E 117 -0.69 -18.84 -14.94
CA LEU E 117 -2.10 -19.06 -15.19
C LEU E 117 -2.09 -20.53 -15.57
N ALA E 118 -2.68 -21.36 -14.72
CA ALA E 118 -2.71 -22.78 -14.98
C ALA E 118 -4.11 -23.35 -15.02
N SER E 119 -4.38 -24.14 -16.06
CA SER E 119 -5.67 -24.78 -16.25
C SER E 119 -5.65 -25.95 -15.27
N VAL E 120 -6.76 -26.17 -14.58
CA VAL E 120 -6.79 -27.26 -13.62
C VAL E 120 -8.01 -28.14 -13.70
N GLN E 121 -7.96 -29.19 -12.89
CA GLN E 121 -9.04 -30.17 -12.78
C GLN E 121 -9.14 -30.63 -11.32
N TRP E 122 -10.34 -30.59 -10.76
CA TRP E 122 -10.54 -30.97 -9.36
C TRP E 122 -10.85 -32.44 -9.06
N GLU E 123 -10.98 -32.77 -7.85
C1 NAG F . -10.64 -3.70 14.83
C2 NAG F . -10.58 -2.17 15.01
C3 NAG F . -11.44 -1.37 14.02
C4 NAG F . -11.38 -2.02 12.65
C5 NAG F . -11.83 -3.46 12.74
C6 NAG F . -11.92 -4.14 11.38
C7 NAG F . -10.06 -1.27 17.19
C8 NAG F . -8.61 -1.73 17.11
N2 NAG F . -10.96 -1.82 16.36
O3 NAG F . -10.93 -0.06 13.93
O4 NAG F . -12.17 -1.27 11.71
O5 NAG F . -10.85 -4.19 13.49
O6 NAG F . -12.29 -5.50 11.51
O7 NAG F . -10.37 -0.42 18.03
C1 NAG F . -13.54 -1.27 11.83
C2 NAG F . -14.10 -0.04 11.12
C3 NAG F . -15.61 -0.09 10.93
C4 NAG F . -16.09 -1.48 10.48
C5 NAG F . -15.44 -2.58 11.31
C6 NAG F . -15.82 -3.95 10.84
C7 NAG F . -12.96 2.06 11.37
C8 NAG F . -12.71 3.33 12.16
N2 NAG F . -13.75 1.14 11.90
O3 NAG F . -15.99 0.88 9.96
O4 NAG F . -17.50 -1.57 10.63
O5 NAG F . -14.02 -2.47 11.21
O6 NAG F . -14.75 -4.86 11.08
O7 NAG F . -12.47 1.92 10.25
C1 BMA F . -18.24 -1.41 9.49
C2 BMA F . -19.66 -1.84 9.79
C3 BMA F . -20.58 -1.52 8.63
C4 BMA F . -20.46 -0.04 8.29
C5 BMA F . -18.99 0.30 8.01
C6 BMA F . -18.75 1.78 7.71
O2 BMA F . -20.12 -1.16 10.93
O3 BMA F . -21.93 -1.79 9.02
O4 BMA F . -21.28 0.27 7.19
O5 BMA F . -18.19 -0.02 9.16
O6 BMA F . -19.41 2.56 8.72
C1 MAN F . -19.31 3.94 8.52
C2 MAN F . -19.96 4.64 9.68
C3 MAN F . -21.43 4.24 9.71
C4 MAN F . -22.09 4.68 8.41
C5 MAN F . -21.36 4.08 7.21
C6 MAN F . -21.83 4.71 5.90
O2 MAN F . -19.87 6.04 9.49
O3 MAN F . -22.10 4.85 10.83
O4 MAN F . -23.45 4.25 8.41
O5 MAN F . -19.93 4.35 7.30
O6 MAN F . -21.33 6.06 5.82
C1 MAN F . -21.97 6.87 4.85
C2 MAN F . -21.42 8.30 4.97
C3 MAN F . -21.77 8.85 6.35
C4 MAN F . -23.31 8.84 6.50
C5 MAN F . -23.85 7.43 6.27
C6 MAN F . -25.35 7.39 6.24
O2 MAN F . -22.02 9.11 3.96
O3 MAN F . -21.27 10.18 6.49
O4 MAN F . -23.70 9.28 7.79
O5 MAN F . -23.39 6.91 5.01
O6 MAN F . -25.83 6.22 5.57
C1 MAN F . -21.33 9.21 2.76
C2 MAN F . -21.79 10.45 1.99
C3 MAN F . -23.20 10.26 1.46
C4 MAN F . -23.25 9.00 0.60
C5 MAN F . -22.82 7.82 1.46
C6 MAN F . -22.79 6.51 0.71
O2 MAN F . -20.89 10.71 0.91
O3 MAN F . -23.60 11.41 0.71
O4 MAN F . -24.55 8.79 0.10
O5 MAN F . -21.49 8.04 1.97
O6 MAN F . -22.54 5.42 1.60
C1 MAN F . -22.51 4.00 11.85
C2 MAN F . -23.83 4.52 12.40
C3 MAN F . -23.62 5.91 13.01
C4 MAN F . -22.44 5.92 14.02
C5 MAN F . -21.20 5.24 13.42
C6 MAN F . -20.02 5.07 14.38
O2 MAN F . -24.33 3.64 13.41
O3 MAN F . -24.80 6.33 13.65
O4 MAN F . -22.13 7.26 14.38
O5 MAN F . -21.55 3.93 12.90
O6 MAN F . -18.93 5.90 14.00
C1 MAN F . -22.43 -3.02 8.62
C2 MAN F . -23.93 -3.02 8.87
C3 MAN F . -24.26 -3.21 10.38
C4 MAN F . -23.41 -4.30 11.06
C5 MAN F . -21.95 -4.12 10.71
C6 MAN F . -21.09 -5.26 11.26
O2 MAN F . -24.60 -3.99 8.03
O3 MAN F . -25.64 -3.52 10.54
O4 MAN F . -23.55 -4.22 12.45
O5 MAN F . -21.78 -4.10 9.28
O6 MAN F . -19.87 -5.41 10.55
C1 MAN F . -25.63 -3.22 7.29
C2 MAN F . -26.90 -3.89 7.31
C3 MAN F . -27.01 -5.25 6.66
C4 MAN F . -26.19 -5.38 5.35
C5 MAN F . -24.86 -4.72 5.42
C6 MAN F . -23.76 -4.71 4.39
O2 MAN F . -27.81 -3.00 6.74
O3 MAN F . -28.40 -5.31 6.28
O4 MAN F . -25.97 -6.73 5.01
O5 MAN F . -25.02 -3.36 5.94
O6 MAN F . -22.82 -3.68 4.71
C1 NAG G . 1.43 22.82 23.62
C2 NAG G . 2.10 23.30 24.92
C3 NAG G . 1.46 24.57 25.51
C4 NAG G . 1.19 25.63 24.44
C5 NAG G . 0.36 24.94 23.33
C6 NAG G . -0.05 25.86 22.19
C7 NAG G . 3.03 21.69 26.46
C8 NAG G . 2.89 21.40 27.95
N2 NAG G . 1.96 22.23 25.88
O3 NAG G . 2.34 25.11 26.49
O4 NAG G . 0.49 26.78 25.02
O5 NAG G . 1.15 23.91 22.73
O6 NAG G . 1.06 26.63 21.73
O7 NAG G . 4.07 21.43 25.85
C1 NAG G . 0.25 27.83 24.13
C2 NAG G . 1.05 29.11 24.38
C3 NAG G . 0.27 30.24 25.09
C4 NAG G . -1.17 30.32 24.57
C5 NAG G . -1.80 28.94 24.76
C6 NAG G . -3.31 28.88 24.45
C7 NAG G . 3.42 29.30 24.72
C8 NAG G . 4.25 28.41 23.76
N2 NAG G . 2.26 28.82 25.14
O3 NAG G . 0.94 31.48 24.83
O4 NAG G . -1.90 31.32 25.27
O5 NAG G . -1.16 28.00 23.89
O6 NAG G . -3.72 27.56 24.06
O7 NAG G . 3.85 30.41 25.07
C1 NAG H . -6.79 2.98 33.81
C2 NAG H . -8.10 2.42 33.28
C3 NAG H . -9.17 3.49 33.23
C4 NAG H . -9.27 4.26 34.55
C5 NAG H . -7.88 4.71 34.99
C6 NAG H . -7.87 5.42 36.32
C7 NAG H . -7.75 0.61 31.73
C8 NAG H . -7.00 -0.23 32.76
N2 NAG H . -7.84 1.92 31.94
O3 NAG H . -10.43 2.92 32.94
O4 NAG H . -10.06 5.43 34.29
O5 NAG H . -7.00 3.58 35.09
O6 NAG H . -7.49 6.77 36.14
O7 NAG H . -8.25 0.08 30.74
C1 NAG H . -10.93 5.86 35.28
C2 NAG H . -11.55 7.19 34.80
C3 NAG H . -12.64 7.64 35.76
C4 NAG H . -13.70 6.52 35.91
C5 NAG H . -13.00 5.23 36.37
C6 NAG H . -13.94 4.05 36.44
C7 NAG H . -10.69 9.30 34.01
C8 NAG H . -11.18 9.20 32.57
N2 NAG H . -10.49 8.17 34.70
O3 NAG H . -13.25 8.82 35.25
O4 NAG H . -14.71 6.89 36.85
O5 NAG H . -11.97 4.85 35.41
O6 NAG H . -13.70 3.14 35.37
O7 NAG H . -10.45 10.42 34.49
C1 NAG I . 17.92 25.90 5.52
C2 NAG I . 18.78 26.67 4.50
C3 NAG I . 18.69 28.19 4.77
C4 NAG I . 17.25 28.69 4.90
C5 NAG I . 16.38 27.75 5.78
C6 NAG I . 14.91 28.03 5.55
C7 NAG I . 21.02 26.63 3.61
C8 NAG I . 22.01 27.71 4.01
N2 NAG I . 20.16 26.23 4.56
O3 NAG I . 19.32 28.90 3.71
O4 NAG I . 17.26 30.01 5.51
O5 NAG I . 16.57 26.36 5.43
O6 NAG I . 14.44 27.36 4.37
O7 NAG I . 21.01 26.17 2.47
C1 NAG I . 16.26 30.91 5.18
C2 NAG I . 16.13 31.91 6.35
C3 NAG I . 15.28 33.14 5.99
C4 NAG I . 15.77 33.74 4.67
C5 NAG I . 15.75 32.67 3.60
C6 NAG I . 16.21 33.24 2.26
C7 NAG I . 16.09 31.42 8.71
C8 NAG I . 15.16 31.90 9.82
N2 NAG I . 15.56 31.23 7.49
O3 NAG I . 15.42 34.11 7.02
O4 NAG I . 14.97 34.85 4.29
O5 NAG I . 16.65 31.60 3.97
O6 NAG I . 16.93 32.29 1.48
O7 NAG I . 17.29 31.22 8.95
C1 NAG J . -24.94 -5.18 -28.76
C2 NAG J . -24.95 -6.54 -28.04
C3 NAG J . -25.96 -7.50 -28.68
C4 NAG J . -27.33 -6.82 -28.75
C5 NAG J . -27.18 -5.56 -29.56
C6 NAG J . -28.48 -4.81 -29.77
C7 NAG J . -23.47 -8.45 -27.83
C8 NAG J . -23.59 -8.86 -26.37
N2 NAG J . -23.62 -7.14 -28.09
O3 NAG J . -26.03 -8.70 -27.91
O4 NAG J . -28.30 -7.68 -29.35
O5 NAG J . -26.28 -4.66 -28.89
O6 NAG J . -28.46 -4.09 -30.99
O7 NAG J . -23.23 -9.30 -28.72
C TRS K . -4.67 15.39 -3.58
C1 TRS K . -5.07 15.22 -2.10
C2 TRS K . -3.72 16.62 -3.90
C3 TRS K . -5.99 15.36 -4.49
N TRS K . -3.89 14.25 -3.94
O1 TRS K . -3.89 15.24 -1.30
O2 TRS K . -2.52 16.59 -3.23
O3 TRS K . -5.56 15.13 -5.85
ZN ZN L . -4.85 13.09 -6.50
S SO4 M . 4.96 -1.64 -29.41
O1 SO4 M . 6.25 -1.64 -28.66
O2 SO4 M . 4.55 -3.07 -29.57
O3 SO4 M . 5.13 -1.00 -30.75
O4 SO4 M . 3.91 -0.93 -28.64
S SO4 N . -11.30 -21.55 -18.69
O1 SO4 N . -11.19 -20.85 -17.37
O2 SO4 N . -10.23 -22.60 -18.78
O3 SO4 N . -11.17 -20.58 -19.82
O4 SO4 N . -12.65 -22.18 -18.75
#